data_1HXH
#
_entry.id   1HXH
#
_cell.length_a   80.024
_cell.length_b   110.595
_cell.length_c   115.143
_cell.angle_alpha   90.00
_cell.angle_beta   90.00
_cell.angle_gamma   90.00
#
_symmetry.space_group_name_H-M   'P 21 21 21'
#
loop_
_entity.id
_entity.type
_entity.pdbx_description
1 polymer '3BETA/17BETA-HYDROXYSTEROID DEHYDROGENASE'
2 water water
#
_entity_poly.entity_id   1
_entity_poly.type   'polypeptide(L)'
_entity_poly.pdbx_seq_one_letter_code
;TNRLQGKVALVTGGASGVGLEVVKLLLGEGAKVAFSDINEAAGQQLAAELGERSMFVRHDVSSEADWTLVMAAVQRRLGT
LNVLVNNAGILLPGDMETGRLEDFSRLLKINTESVFIGCQQGIAAMKETGGSIINMASVSSWLPIEQYAGYSASKAAVSA
LTRAAALSCRKQGYAIRVNSIHPDGIYTPMMQASLPKGVSKEMVLHDPKLNRAGRAYMPERIAQLVLFLASDESSVMSGS
ELHADNSILGMGL
;
_entity_poly.pdbx_strand_id   A,B,C,D
#
# COMPACT_ATOMS: atom_id res chain seq x y z
N THR A 1 -11.13 11.01 -33.99
CA THR A 1 -9.84 11.31 -34.64
C THR A 1 -9.29 12.66 -34.19
N ASN A 2 -10.11 13.65 -33.82
CA ASN A 2 -9.67 14.89 -33.23
C ASN A 2 -10.19 14.93 -31.80
N ARG A 3 -10.20 13.76 -31.17
CA ARG A 3 -10.69 13.65 -29.80
C ARG A 3 -9.98 14.56 -28.80
N LEU A 4 -8.68 14.75 -28.96
CA LEU A 4 -7.92 15.61 -28.05
C LEU A 4 -7.56 16.92 -28.70
N GLN A 5 -8.36 17.36 -29.68
CA GLN A 5 -8.12 18.61 -30.36
C GLN A 5 -7.90 19.84 -29.50
N GLY A 6 -8.56 20.03 -28.36
CA GLY A 6 -8.27 21.22 -27.54
C GLY A 6 -7.13 21.01 -26.54
N LYS A 7 -6.40 19.92 -26.59
CA LYS A 7 -5.31 19.69 -25.65
C LYS A 7 -3.99 20.22 -26.18
N VAL A 8 -3.22 20.76 -25.22
CA VAL A 8 -1.89 21.30 -25.41
C VAL A 8 -1.03 20.65 -24.36
N ALA A 9 -0.07 19.88 -24.83
CA ALA A 9 0.75 19.05 -23.93
C ALA A 9 2.22 19.41 -24.03
N LEU A 10 2.95 19.18 -22.93
CA LEU A 10 4.38 19.15 -22.89
C LEU A 10 4.77 17.78 -22.39
N VAL A 11 5.66 17.12 -23.08
CA VAL A 11 6.19 15.80 -22.74
C VAL A 11 7.71 15.91 -22.60
N THR A 12 8.22 15.72 -21.37
CA THR A 12 9.69 15.65 -21.24
C THR A 12 10.22 14.27 -21.57
N GLY A 13 11.48 14.16 -21.95
CA GLY A 13 12.03 12.89 -22.40
C GLY A 13 11.28 12.35 -23.61
N GLY A 14 10.86 13.26 -24.51
CA GLY A 14 9.95 12.88 -25.56
C GLY A 14 10.58 12.44 -26.85
N ALA A 15 11.91 12.30 -26.95
CA ALA A 15 12.51 11.89 -28.23
C ALA A 15 12.76 10.40 -28.36
N SER A 16 12.45 9.59 -27.33
CA SER A 16 12.69 8.16 -27.41
C SER A 16 11.75 7.52 -26.41
N GLY A 17 11.63 6.21 -26.54
CA GLY A 17 10.93 5.46 -25.53
C GLY A 17 9.49 5.81 -25.34
N VAL A 18 9.07 5.71 -24.05
CA VAL A 18 7.68 6.02 -23.71
C VAL A 18 7.34 7.42 -24.13
N GLY A 19 8.24 8.37 -23.88
CA GLY A 19 7.94 9.75 -24.24
C GLY A 19 7.61 9.92 -25.70
N LEU A 20 8.39 9.33 -26.55
CA LEU A 20 8.11 9.44 -27.99
C LEU A 20 6.78 8.83 -28.31
N GLU A 21 6.51 7.66 -27.74
CA GLU A 21 5.24 7.03 -28.04
C GLU A 21 4.07 7.85 -27.53
N VAL A 22 4.24 8.52 -26.38
CA VAL A 22 3.25 9.45 -25.93
C VAL A 22 3.05 10.63 -26.88
N VAL A 23 4.13 11.23 -27.37
CA VAL A 23 4.01 12.34 -28.31
C VAL A 23 3.20 11.87 -29.48
N LYS A 24 3.55 10.74 -30.04
CA LYS A 24 2.85 10.28 -31.24
C LYS A 24 1.39 9.97 -30.95
N LEU A 25 1.04 9.34 -29.82
CA LEU A 25 -0.38 9.10 -29.57
C LEU A 25 -1.19 10.37 -29.38
N LEU A 26 -0.61 11.33 -28.63
CA LEU A 26 -1.32 12.58 -28.42
C LEU A 26 -1.53 13.33 -29.74
N LEU A 27 -0.51 13.42 -30.59
CA LEU A 27 -0.61 14.02 -31.91
C LEU A 27 -1.69 13.26 -32.67
N GLY A 28 -1.74 11.95 -32.62
CA GLY A 28 -2.68 11.17 -33.41
C GLY A 28 -4.11 11.43 -32.98
N GLU A 29 -4.33 11.96 -31.79
CA GLU A 29 -5.71 12.31 -31.37
C GLU A 29 -6.03 13.78 -31.50
N GLY A 30 -5.14 14.50 -32.17
CA GLY A 30 -5.44 15.90 -32.52
C GLY A 30 -4.82 16.93 -31.62
N ALA A 31 -4.04 16.54 -30.61
CA ALA A 31 -3.49 17.52 -29.69
C ALA A 31 -2.35 18.32 -30.29
N LYS A 32 -1.97 19.38 -29.62
CA LYS A 32 -0.71 20.05 -29.89
C LYS A 32 0.28 19.60 -28.82
N VAL A 33 1.51 19.30 -29.21
CA VAL A 33 2.46 18.66 -28.34
C VAL A 33 3.87 19.24 -28.52
N ALA A 34 4.31 19.86 -27.42
CA ALA A 34 5.73 20.21 -27.26
C ALA A 34 6.43 19.07 -26.58
N PHE A 35 7.68 18.84 -26.88
CA PHE A 35 8.47 17.86 -26.17
C PHE A 35 9.90 18.36 -26.06
N SER A 36 10.57 17.87 -25.05
CA SER A 36 12.00 18.12 -24.86
C SER A 36 12.77 16.83 -24.64
N ASP A 37 14.06 16.88 -24.76
CA ASP A 37 14.88 15.64 -24.64
C ASP A 37 16.35 16.06 -24.59
N ILE A 38 17.17 15.27 -23.96
CA ILE A 38 18.63 15.58 -23.96
C ILE A 38 19.18 15.27 -25.34
N ASN A 39 18.57 14.37 -26.13
CA ASN A 39 19.10 14.16 -27.50
C ASN A 39 18.41 15.14 -28.44
N GLU A 40 18.98 16.34 -28.59
CA GLU A 40 18.42 17.35 -29.44
C GLU A 40 18.60 17.09 -30.94
N ALA A 41 19.66 16.34 -31.29
CA ALA A 41 19.81 15.98 -32.72
C ALA A 41 18.57 15.16 -33.09
N ALA A 42 18.22 14.13 -32.31
CA ALA A 42 17.08 13.29 -32.65
C ALA A 42 15.81 14.11 -32.44
N GLY A 43 15.67 14.91 -31.38
CA GLY A 43 14.48 15.66 -31.07
C GLY A 43 14.05 16.66 -32.12
N GLN A 44 15.04 17.43 -32.61
CA GLN A 44 14.68 18.45 -33.58
C GLN A 44 14.28 17.79 -34.90
N GLN A 45 14.96 16.72 -35.25
CA GLN A 45 14.64 15.99 -36.47
C GLN A 45 13.20 15.46 -36.34
N LEU A 46 12.86 14.88 -35.19
N LEU A 46 12.87 14.90 -35.19
CA LEU A 46 11.50 14.40 -34.96
CA LEU A 46 11.52 14.39 -34.95
C LEU A 46 10.45 15.48 -35.11
C LEU A 46 10.42 15.43 -34.97
N ALA A 47 10.69 16.63 -34.48
CA ALA A 47 9.68 17.68 -34.53
C ALA A 47 9.47 18.10 -35.98
N ALA A 48 10.53 18.09 -36.78
CA ALA A 48 10.41 18.45 -38.19
C ALA A 48 9.47 17.51 -38.89
N GLU A 49 9.63 16.23 -38.60
CA GLU A 49 8.87 15.19 -39.26
C GLU A 49 7.44 15.06 -38.76
N LEU A 50 7.25 15.42 -37.50
CA LEU A 50 5.96 15.31 -36.87
C LEU A 50 5.01 16.45 -37.17
N GLY A 51 5.50 17.55 -37.74
CA GLY A 51 4.52 18.54 -38.20
C GLY A 51 4.32 19.70 -37.29
N GLU A 52 3.48 20.62 -37.73
CA GLU A 52 3.24 21.93 -37.18
C GLU A 52 2.64 21.90 -35.79
N ARG A 53 2.03 20.75 -35.43
CA ARG A 53 1.40 20.67 -34.10
C ARG A 53 2.43 20.22 -33.08
N SER A 54 3.66 19.92 -33.52
CA SER A 54 4.69 19.50 -32.57
C SER A 54 5.76 20.58 -32.51
N MET A 55 6.42 20.66 -31.36
CA MET A 55 7.57 21.56 -31.20
C MET A 55 8.61 20.90 -30.32
N PHE A 56 9.88 21.04 -30.65
CA PHE A 56 10.96 20.58 -29.81
C PHE A 56 11.54 21.76 -29.06
N VAL A 57 11.82 21.58 -27.79
CA VAL A 57 12.56 22.61 -27.04
C VAL A 57 13.71 22.01 -26.28
N ARG A 58 14.84 22.68 -26.18
CA ARG A 58 15.97 22.44 -25.30
C ARG A 58 15.47 22.56 -23.87
N HIS A 59 15.87 21.64 -23.04
CA HIS A 59 15.38 21.66 -21.64
C HIS A 59 16.23 20.83 -20.70
N ASP A 60 16.82 21.54 -19.73
CA ASP A 60 17.48 20.93 -18.59
C ASP A 60 16.36 20.74 -17.57
N VAL A 61 15.80 19.58 -17.38
CA VAL A 61 14.64 19.40 -16.52
C VAL A 61 14.94 19.60 -15.02
N SER A 62 16.20 19.73 -14.64
CA SER A 62 16.56 19.96 -13.26
C SER A 62 16.66 21.46 -13.01
N SER A 63 16.48 22.33 -14.01
CA SER A 63 16.68 23.78 -13.90
C SER A 63 15.37 24.51 -13.87
N GLU A 64 15.18 25.25 -12.79
N GLU A 64 15.10 25.25 -12.78
CA GLU A 64 13.96 26.05 -12.64
CA GLU A 64 13.88 26.04 -12.76
C GLU A 64 13.85 27.20 -13.65
C GLU A 64 13.84 27.07 -13.88
N ALA A 65 15.01 27.73 -14.08
CA ALA A 65 15.09 28.72 -15.13
C ALA A 65 14.68 28.14 -16.48
N ASP A 66 15.21 26.95 -16.79
CA ASP A 66 14.88 26.33 -18.07
C ASP A 66 13.39 26.03 -18.12
N TRP A 67 12.82 25.48 -17.05
CA TRP A 67 11.39 25.22 -17.02
C TRP A 67 10.58 26.49 -17.25
N THR A 68 11.00 27.59 -16.62
CA THR A 68 10.23 28.83 -16.82
C THR A 68 10.20 29.26 -18.27
N LEU A 69 11.36 29.15 -18.93
CA LEU A 69 11.44 29.54 -20.32
C LEU A 69 10.68 28.57 -21.18
N VAL A 70 10.74 27.26 -20.94
CA VAL A 70 10.04 26.26 -21.77
C VAL A 70 8.55 26.51 -21.64
N MET A 71 8.09 26.65 -20.40
CA MET A 71 6.64 26.85 -20.19
C MET A 71 6.11 28.04 -20.97
N ALA A 72 6.87 29.12 -20.92
CA ALA A 72 6.47 30.32 -21.64
C ALA A 72 6.52 30.14 -23.16
N ALA A 73 7.60 29.54 -23.65
CA ALA A 73 7.79 29.33 -25.08
C ALA A 73 6.71 28.43 -25.64
N VAL A 74 6.41 27.36 -24.91
CA VAL A 74 5.45 26.38 -25.40
C VAL A 74 4.07 27.02 -25.46
N GLN A 75 3.70 27.77 -24.42
CA GLN A 75 2.34 28.31 -24.41
C GLN A 75 2.18 29.49 -25.36
N ARG A 76 3.27 30.19 -25.67
CA ARG A 76 3.21 31.27 -26.66
C ARG A 76 2.87 30.67 -28.01
N ARG A 77 3.51 29.55 -28.30
CA ARG A 77 3.35 28.97 -29.64
C ARG A 77 2.09 28.15 -29.77
N LEU A 78 1.77 27.37 -28.73
CA LEU A 78 0.73 26.35 -28.84
C LEU A 78 -0.52 26.64 -28.03
N GLY A 79 -0.45 27.60 -27.13
CA GLY A 79 -1.64 27.94 -26.35
C GLY A 79 -1.49 27.43 -24.92
N THR A 80 -2.46 27.73 -24.08
CA THR A 80 -2.46 27.33 -22.65
C THR A 80 -2.34 25.84 -22.45
N LEU A 81 -1.40 25.47 -21.60
CA LEU A 81 -1.13 24.06 -21.32
C LEU A 81 -2.27 23.40 -20.56
N ASN A 82 -2.59 22.17 -20.95
CA ASN A 82 -3.51 21.40 -20.10
C ASN A 82 -3.13 19.94 -19.98
N VAL A 83 -1.96 19.52 -20.44
CA VAL A 83 -1.42 18.20 -20.24
C VAL A 83 0.09 18.36 -20.01
N LEU A 84 0.56 17.81 -18.91
CA LEU A 84 2.00 17.76 -18.67
C LEU A 84 2.42 16.31 -18.41
N VAL A 85 3.40 15.82 -19.11
CA VAL A 85 3.89 14.45 -18.88
C VAL A 85 5.36 14.57 -18.45
N ASN A 86 5.57 14.38 -17.15
CA ASN A 86 6.92 14.39 -16.57
C ASN A 86 7.48 12.99 -16.79
N ASN A 87 8.14 12.79 -17.92
CA ASN A 87 8.66 11.53 -18.31
C ASN A 87 10.18 11.48 -18.29
N ALA A 88 10.88 12.61 -18.40
CA ALA A 88 12.33 12.65 -18.34
C ALA A 88 12.85 12.01 -17.08
N GLY A 89 13.89 11.20 -17.20
CA GLY A 89 14.47 10.50 -16.08
C GLY A 89 15.70 9.80 -16.57
N ILE A 90 16.47 9.33 -15.59
CA ILE A 90 17.66 8.54 -15.88
C ILE A 90 17.63 7.32 -14.99
N LEU A 91 18.20 6.26 -15.57
CA LEU A 91 18.40 4.98 -14.94
C LEU A 91 19.90 4.88 -14.73
N LEU A 92 20.33 4.89 -13.50
CA LEU A 92 21.72 4.65 -13.11
C LEU A 92 21.63 3.48 -12.13
N PRO A 93 22.43 2.47 -12.28
CA PRO A 93 22.40 1.37 -11.31
C PRO A 93 23.21 1.69 -10.06
N GLY A 94 22.97 0.93 -9.00
CA GLY A 94 23.78 0.92 -7.81
C GLY A 94 23.02 0.23 -6.73
N ASP A 95 23.60 -0.75 -6.08
CA ASP A 95 22.96 -1.37 -4.94
C ASP A 95 23.31 -0.58 -3.68
N MET A 96 22.69 -1.00 -2.57
CA MET A 96 22.92 -0.25 -1.35
C MET A 96 24.32 -0.47 -0.84
N GLU A 97 24.94 -1.61 -1.12
CA GLU A 97 26.29 -1.90 -0.53
C GLU A 97 27.37 -1.11 -1.23
N THR A 98 27.29 -0.93 -2.54
CA THR A 98 28.40 -0.29 -3.24
C THR A 98 27.98 0.80 -4.20
N GLY A 99 26.69 1.12 -4.37
CA GLY A 99 26.27 2.18 -5.25
C GLY A 99 26.89 3.51 -4.82
N ARG A 100 27.15 4.37 -5.81
CA ARG A 100 27.78 5.64 -5.56
C ARG A 100 26.80 6.69 -5.04
N LEU A 101 27.19 7.29 -3.93
CA LEU A 101 26.43 8.46 -3.44
C LEU A 101 26.24 9.48 -4.57
N GLU A 102 27.26 9.76 -5.33
CA GLU A 102 27.15 10.74 -6.43
C GLU A 102 26.10 10.39 -7.46
N ASP A 103 25.95 9.11 -7.78
CA ASP A 103 24.90 8.69 -8.68
C ASP A 103 23.52 8.84 -8.03
N PHE A 104 23.40 8.52 -6.75
CA PHE A 104 22.14 8.78 -6.09
C PHE A 104 21.77 10.28 -6.11
N SER A 105 22.75 11.13 -5.85
CA SER A 105 22.48 12.59 -5.92
C SER A 105 22.00 12.97 -7.31
N ARG A 106 22.65 12.42 -8.33
CA ARG A 106 22.22 12.75 -9.67
C ARG A 106 20.80 12.22 -9.96
N LEU A 107 20.47 11.04 -9.50
CA LEU A 107 19.13 10.46 -9.66
C LEU A 107 18.09 11.37 -9.05
N LEU A 108 18.37 11.88 -7.87
CA LEU A 108 17.40 12.73 -7.20
C LEU A 108 17.24 14.04 -7.93
N LYS A 109 18.34 14.60 -8.42
CA LYS A 109 18.30 15.87 -9.14
C LYS A 109 17.50 15.72 -10.40
N ILE A 110 17.77 14.67 -11.17
CA ILE A 110 17.12 14.58 -12.51
C ILE A 110 15.74 13.97 -12.42
N ASN A 111 15.57 12.98 -11.54
CA ASN A 111 14.29 12.29 -11.55
C ASN A 111 13.27 12.93 -10.63
N THR A 112 13.72 13.49 -9.50
CA THR A 112 12.79 13.89 -8.45
C THR A 112 12.62 15.41 -8.43
N GLU A 113 13.74 16.15 -8.50
CA GLU A 113 13.62 17.60 -8.55
C GLU A 113 12.92 18.02 -9.86
N SER A 114 13.08 17.30 -10.97
CA SER A 114 12.37 17.67 -12.21
C SER A 114 10.87 17.62 -12.05
N VAL A 115 10.38 16.57 -11.34
CA VAL A 115 8.97 16.47 -11.08
C VAL A 115 8.47 17.51 -10.14
N PHE A 116 9.26 17.89 -9.14
CA PHE A 116 8.89 18.98 -8.28
C PHE A 116 8.64 20.26 -9.12
N ILE A 117 9.66 20.63 -9.91
CA ILE A 117 9.56 21.87 -10.66
C ILE A 117 8.40 21.78 -11.65
N GLY A 118 8.37 20.66 -12.36
CA GLY A 118 7.37 20.46 -13.38
C GLY A 118 5.96 20.54 -12.82
N CYS A 119 5.71 19.89 -11.67
CA CYS A 119 4.38 20.00 -11.06
C CYS A 119 4.10 21.41 -10.54
N GLN A 120 5.12 22.05 -9.92
CA GLN A 120 4.88 23.41 -9.45
C GLN A 120 4.52 24.36 -10.58
N GLN A 121 5.27 24.30 -11.68
CA GLN A 121 5.02 25.19 -12.81
C GLN A 121 3.79 24.76 -13.59
N GLY A 122 3.52 23.46 -13.58
CA GLY A 122 2.31 22.96 -14.22
C GLY A 122 1.05 23.42 -13.54
N ILE A 123 1.08 23.46 -12.21
CA ILE A 123 -0.05 24.01 -11.48
C ILE A 123 -0.27 25.47 -11.84
N ALA A 124 0.81 26.26 -11.90
CA ALA A 124 0.65 27.64 -12.28
C ALA A 124 0.06 27.76 -13.68
N ALA A 125 0.44 26.92 -14.63
CA ALA A 125 -0.07 26.99 -16.02
C ALA A 125 -1.54 26.60 -16.09
N MET A 126 -1.94 25.59 -15.25
CA MET A 126 -3.24 24.97 -15.44
C MET A 126 -4.27 25.37 -14.42
N LYS A 127 -3.94 26.14 -13.41
CA LYS A 127 -4.90 26.34 -12.32
C LYS A 127 -6.15 27.07 -12.75
N GLU A 128 -6.05 27.98 -13.72
CA GLU A 128 -7.29 28.67 -14.08
C GLU A 128 -8.31 27.81 -14.77
N THR A 129 -7.90 26.96 -15.69
N THR A 129 -7.92 26.95 -15.69
CA THR A 129 -8.79 26.23 -16.58
CA THR A 129 -8.97 26.20 -16.41
C THR A 129 -8.69 24.72 -16.46
C THR A 129 -8.92 24.74 -16.06
N GLY A 130 -7.69 24.23 -15.74
N GLY A 130 -7.73 24.21 -15.84
CA GLY A 130 -7.58 22.80 -15.46
C GLY A 130 -6.68 22.01 -16.38
N GLY A 131 -6.48 20.74 -16.05
CA GLY A 131 -5.68 19.87 -16.83
C GLY A 131 -5.26 18.60 -16.13
N SER A 132 -4.27 17.97 -16.69
CA SER A 132 -3.82 16.64 -16.18
C SER A 132 -2.29 16.61 -16.18
N ILE A 133 -1.70 16.26 -15.05
CA ILE A 133 -0.26 16.09 -14.89
C ILE A 133 0.00 14.62 -14.66
N ILE A 134 0.86 14.04 -15.43
CA ILE A 134 1.18 12.62 -15.36
C ILE A 134 2.65 12.49 -15.06
N ASN A 135 2.95 11.84 -13.94
CA ASN A 135 4.32 11.65 -13.57
C ASN A 135 4.78 10.22 -13.79
N MET A 136 5.82 10.00 -14.56
CA MET A 136 6.31 8.63 -14.77
C MET A 136 7.13 8.19 -13.57
N ALA A 137 6.73 7.05 -13.04
CA ALA A 137 7.45 6.41 -11.92
C ALA A 137 7.91 5.04 -12.41
N SER A 138 7.76 4.04 -11.63
CA SER A 138 8.32 2.73 -11.90
C SER A 138 7.70 1.75 -10.95
N VAL A 139 7.58 0.50 -11.36
CA VAL A 139 7.28 -0.56 -10.38
C VAL A 139 8.24 -0.56 -9.21
N SER A 140 9.48 -0.10 -9.46
CA SER A 140 10.49 -0.14 -8.44
C SER A 140 10.26 0.87 -7.32
N SER A 141 9.32 1.77 -7.48
CA SER A 141 8.99 2.68 -6.37
C SER A 141 8.45 1.90 -5.20
N TRP A 142 7.81 0.75 -5.43
CA TRP A 142 7.26 -0.07 -4.38
C TRP A 142 7.84 -1.48 -4.33
N LEU A 143 8.35 -1.98 -5.42
CA LEU A 143 8.95 -3.32 -5.53
C LEU A 143 10.45 -3.19 -5.51
N PRO A 144 11.15 -3.52 -4.44
CA PRO A 144 12.58 -3.31 -4.44
C PRO A 144 13.29 -4.21 -5.44
N ILE A 145 14.29 -3.61 -6.05
N ILE A 145 14.30 -3.65 -6.07
CA ILE A 145 15.19 -4.22 -7.00
CA ILE A 145 15.17 -4.32 -7.00
C ILE A 145 16.59 -3.89 -6.53
C ILE A 145 16.62 -3.94 -6.68
N GLU A 146 17.40 -4.92 -6.29
CA GLU A 146 18.68 -4.67 -5.61
C GLU A 146 19.59 -3.71 -6.33
N GLN A 147 19.68 -3.83 -7.64
CA GLN A 147 20.66 -3.07 -8.39
C GLN A 147 20.20 -1.65 -8.71
N TYR A 148 18.98 -1.28 -8.34
CA TYR A 148 18.42 0.03 -8.65
C TYR A 148 17.87 0.71 -7.41
N ALA A 149 18.61 0.65 -6.30
CA ALA A 149 18.18 1.22 -5.05
C ALA A 149 17.89 2.70 -5.13
N GLY A 150 18.83 3.48 -5.65
CA GLY A 150 18.61 4.90 -5.74
C GLY A 150 17.53 5.28 -6.71
N TYR A 151 17.44 4.58 -7.82
CA TYR A 151 16.36 4.83 -8.78
C TYR A 151 15.03 4.62 -8.12
N SER A 152 14.86 3.50 -7.42
CA SER A 152 13.64 3.21 -6.70
C SER A 152 13.26 4.35 -5.75
N ALA A 153 14.23 4.83 -4.96
CA ALA A 153 13.96 5.93 -4.05
C ALA A 153 13.56 7.18 -4.77
N SER A 154 14.20 7.46 -5.88
CA SER A 154 13.85 8.67 -6.66
C SER A 154 12.41 8.60 -7.13
N LYS A 155 11.96 7.40 -7.48
CA LYS A 155 10.60 7.24 -7.99
C LYS A 155 9.54 7.13 -6.90
N ALA A 156 9.91 6.61 -5.70
CA ALA A 156 9.02 6.69 -4.59
C ALA A 156 8.79 8.16 -4.20
N ALA A 157 9.87 8.98 -4.28
CA ALA A 157 9.71 10.40 -4.03
C ALA A 157 8.77 11.03 -5.05
N VAL A 158 8.89 10.64 -6.32
CA VAL A 158 7.98 11.15 -7.32
C VAL A 158 6.53 10.82 -6.99
N SER A 159 6.24 9.63 -6.54
CA SER A 159 4.88 9.29 -6.14
C SER A 159 4.38 10.13 -5.00
N ALA A 160 5.24 10.43 -4.00
CA ALA A 160 4.82 11.31 -2.93
C ALA A 160 4.53 12.74 -3.42
N LEU A 161 5.37 13.23 -4.35
CA LEU A 161 5.10 14.57 -4.91
C LEU A 161 3.77 14.57 -5.64
N THR A 162 3.46 13.47 -6.29
CA THR A 162 2.20 13.32 -7.01
C THR A 162 1.03 13.50 -6.10
N ARG A 163 1.07 12.81 -4.93
CA ARG A 163 -0.02 12.94 -3.99
C ARG A 163 -0.13 14.35 -3.39
N ALA A 164 1.00 14.98 -3.09
CA ALA A 164 0.98 16.32 -2.55
C ALA A 164 0.37 17.32 -3.55
N ALA A 165 0.79 17.18 -4.80
CA ALA A 165 0.29 18.08 -5.83
C ALA A 165 -1.23 17.86 -6.02
N ALA A 166 -1.63 16.60 -6.08
CA ALA A 166 -3.03 16.30 -6.27
C ALA A 166 -3.89 16.84 -5.12
N LEU A 167 -3.37 16.71 -3.91
CA LEU A 167 -4.10 17.17 -2.73
C LEU A 167 -4.21 18.69 -2.70
N SER A 168 -3.12 19.39 -3.00
CA SER A 168 -3.18 20.85 -3.12
C SER A 168 -4.21 21.27 -4.15
N CYS A 169 -4.20 20.62 -5.30
CA CYS A 169 -5.15 21.01 -6.33
C CYS A 169 -6.57 20.81 -5.85
N ARG A 170 -6.84 19.70 -5.18
CA ARG A 170 -8.18 19.51 -4.69
C ARG A 170 -8.55 20.54 -3.64
N LYS A 171 -7.69 20.84 -2.68
CA LYS A 171 -7.97 21.76 -1.62
C LYS A 171 -8.13 23.20 -2.12
N GLN A 172 -7.41 23.57 -3.17
CA GLN A 172 -7.48 24.90 -3.71
C GLN A 172 -8.55 25.00 -4.78
N GLY A 173 -9.26 23.96 -5.13
CA GLY A 173 -10.29 24.02 -6.15
C GLY A 173 -9.79 24.13 -7.55
N TYR A 174 -8.61 23.64 -7.84
CA TYR A 174 -8.13 23.62 -9.24
C TYR A 174 -8.61 22.33 -9.88
N ALA A 175 -9.07 22.37 -11.09
CA ALA A 175 -9.51 21.17 -11.84
C ALA A 175 -8.32 20.54 -12.52
N ILE A 176 -7.34 20.17 -11.69
CA ILE A 176 -6.11 19.54 -12.12
C ILE A 176 -6.01 18.17 -11.43
N ARG A 177 -5.82 17.13 -12.22
CA ARG A 177 -5.49 15.82 -11.66
C ARG A 177 -4.01 15.58 -11.79
N VAL A 178 -3.44 14.88 -10.82
CA VAL A 178 -2.03 14.51 -10.81
C VAL A 178 -1.97 13.03 -10.44
N ASN A 179 -1.36 12.24 -11.28
CA ASN A 179 -1.25 10.81 -11.08
C ASN A 179 0.11 10.33 -11.56
N SER A 180 0.50 9.14 -11.10
CA SER A 180 1.74 8.53 -11.49
C SER A 180 1.49 7.17 -12.19
N ILE A 181 2.40 6.80 -13.06
CA ILE A 181 2.35 5.51 -13.75
C ILE A 181 3.62 4.72 -13.44
N HIS A 182 3.42 3.44 -13.13
CA HIS A 182 4.52 2.57 -12.62
C HIS A 182 4.72 1.38 -13.49
N PRO A 183 5.48 1.54 -14.60
CA PRO A 183 5.76 0.38 -15.45
C PRO A 183 6.89 -0.52 -14.90
N ASP A 184 6.92 -1.74 -15.43
CA ASP A 184 8.08 -2.62 -15.27
C ASP A 184 9.11 -2.21 -16.31
N GLY A 185 9.80 -3.17 -16.96
CA GLY A 185 10.86 -2.74 -17.87
C GLY A 185 10.29 -2.19 -19.19
N ILE A 186 11.00 -1.26 -19.80
N ILE A 186 11.05 -1.27 -19.76
CA ILE A 186 10.57 -0.69 -21.08
CA ILE A 186 10.72 -0.70 -21.05
C ILE A 186 11.61 -0.98 -22.16
C ILE A 186 11.73 -1.14 -22.11
N TYR A 187 11.19 -1.78 -23.14
CA TYR A 187 12.00 -2.25 -24.24
C TYR A 187 12.29 -1.07 -25.17
N THR A 188 13.58 -0.76 -25.23
CA THR A 188 14.03 0.23 -26.23
C THR A 188 15.31 -0.29 -26.88
N PRO A 189 15.71 0.38 -27.97
CA PRO A 189 17.04 0.20 -28.55
C PRO A 189 18.11 0.34 -27.48
N MET A 190 17.96 1.19 -26.50
CA MET A 190 18.91 1.27 -25.39
C MET A 190 19.09 -0.06 -24.65
N MET A 191 18.05 -0.66 -24.10
CA MET A 191 18.05 -1.97 -23.48
C MET A 191 18.48 -3.02 -24.51
N GLN A 192 17.89 -3.06 -25.72
CA GLN A 192 18.27 -4.08 -26.68
C GLN A 192 19.71 -4.01 -27.13
N ALA A 193 20.25 -2.80 -27.17
CA ALA A 193 21.66 -2.67 -27.44
C ALA A 193 22.47 -3.08 -26.22
N SER A 194 21.86 -2.86 -25.05
CA SER A 194 22.46 -3.26 -23.77
C SER A 194 22.48 -4.79 -23.64
N LEU A 195 21.71 -5.48 -24.48
CA LEU A 195 21.52 -6.91 -24.31
C LEU A 195 22.62 -7.75 -24.95
N PRO A 196 23.02 -8.84 -24.30
CA PRO A 196 24.00 -9.76 -24.88
C PRO A 196 23.55 -10.45 -26.17
N LYS A 197 24.51 -11.16 -26.78
CA LYS A 197 24.23 -11.72 -28.12
C LYS A 197 23.03 -12.64 -28.10
N GLY A 198 22.24 -12.71 -29.17
CA GLY A 198 21.11 -13.67 -29.19
C GLY A 198 19.97 -13.25 -28.26
N VAL A 199 20.08 -12.35 -27.30
CA VAL A 199 18.94 -11.94 -26.46
C VAL A 199 18.15 -10.84 -27.15
N SER A 200 17.05 -11.25 -27.76
CA SER A 200 16.22 -10.52 -28.68
C SER A 200 14.98 -9.94 -28.02
N LYS A 201 14.22 -9.16 -28.75
CA LYS A 201 12.95 -8.60 -28.26
C LYS A 201 12.10 -9.70 -27.58
N GLU A 202 12.04 -10.85 -28.25
CA GLU A 202 11.14 -11.92 -27.84
C GLU A 202 11.59 -12.56 -26.53
N MET A 203 12.90 -12.53 -26.28
CA MET A 203 13.53 -13.09 -25.09
C MET A 203 13.21 -12.25 -23.84
N VAL A 204 13.03 -10.93 -23.97
CA VAL A 204 12.87 -10.09 -22.80
C VAL A 204 11.45 -9.60 -22.69
N LEU A 205 10.77 -9.49 -23.84
CA LEU A 205 9.43 -8.97 -23.73
C LEU A 205 8.53 -10.01 -23.09
N HIS A 206 7.67 -9.56 -22.21
CA HIS A 206 6.59 -10.39 -21.72
C HIS A 206 5.71 -10.76 -22.93
N ASP A 207 5.30 -12.03 -22.90
CA ASP A 207 4.31 -12.48 -23.88
C ASP A 207 3.51 -13.46 -23.08
N PRO A 208 2.23 -13.12 -23.10
N PRO A 208 2.18 -13.45 -22.98
CA PRO A 208 1.33 -13.86 -22.23
CA PRO A 208 1.51 -14.33 -22.00
C PRO A 208 1.33 -15.35 -22.55
C PRO A 208 1.67 -15.78 -22.38
N LYS A 209 1.72 -15.83 -23.74
CA LYS A 209 1.71 -17.17 -24.22
C LYS A 209 3.12 -17.73 -24.26
N LEU A 210 4.10 -16.97 -24.76
CA LEU A 210 5.44 -17.44 -25.07
C LEU A 210 6.54 -17.03 -24.11
N ASN A 211 6.28 -16.06 -23.22
CA ASN A 211 7.31 -15.61 -22.30
C ASN A 211 6.71 -14.95 -21.07
N ARG A 212 6.04 -15.80 -20.29
N ARG A 212 6.02 -15.78 -20.29
CA ARG A 212 5.30 -15.37 -19.11
CA ARG A 212 5.24 -15.27 -19.15
C ARG A 212 6.14 -14.64 -18.08
C ARG A 212 6.11 -14.71 -18.05
N ALA A 213 7.40 -15.06 -17.97
CA ALA A 213 8.33 -14.50 -17.01
C ALA A 213 8.97 -13.19 -17.47
N GLY A 214 8.73 -12.79 -18.74
CA GLY A 214 9.34 -11.59 -19.27
C GLY A 214 8.94 -10.35 -18.49
N ARG A 215 9.86 -9.40 -18.35
CA ARG A 215 9.63 -8.21 -17.56
C ARG A 215 9.66 -6.92 -18.40
N ALA A 216 9.90 -7.01 -19.71
CA ALA A 216 10.02 -5.86 -20.60
C ALA A 216 8.75 -5.72 -21.45
N TYR A 217 8.33 -4.48 -21.67
CA TYR A 217 7.12 -4.09 -22.34
C TYR A 217 7.44 -3.03 -23.39
N MET A 218 6.67 -3.01 -24.46
CA MET A 218 6.82 -2.00 -25.49
C MET A 218 6.36 -0.66 -24.97
N PRO A 219 7.16 0.39 -25.29
CA PRO A 219 6.78 1.72 -24.80
C PRO A 219 5.37 2.14 -25.17
N GLU A 220 4.88 1.80 -26.34
CA GLU A 220 3.54 2.21 -26.73
C GLU A 220 2.51 1.66 -25.74
N ARG A 221 2.77 0.52 -25.12
CA ARG A 221 1.76 -0.01 -24.17
C ARG A 221 1.65 0.82 -22.91
N ILE A 222 2.76 1.44 -22.50
CA ILE A 222 2.72 2.37 -21.38
C ILE A 222 2.13 3.69 -21.85
N ALA A 223 2.47 4.12 -23.06
CA ALA A 223 1.97 5.39 -23.58
C ALA A 223 0.46 5.36 -23.60
N GLN A 224 -0.18 4.19 -23.85
CA GLN A 224 -1.63 4.17 -23.79
C GLN A 224 -2.23 4.63 -22.45
N LEU A 225 -1.55 4.32 -21.34
CA LEU A 225 -2.00 4.72 -20.01
C LEU A 225 -1.86 6.23 -19.82
N VAL A 226 -0.78 6.79 -20.40
CA VAL A 226 -0.64 8.26 -20.37
C VAL A 226 -1.76 8.93 -21.14
N LEU A 227 -2.08 8.34 -22.33
CA LEU A 227 -3.15 8.92 -23.12
C LEU A 227 -4.47 8.93 -22.37
N PHE A 228 -4.75 7.80 -21.66
CA PHE A 228 -5.97 7.73 -20.87
C PHE A 228 -5.98 8.81 -19.79
N LEU A 229 -4.87 8.97 -19.07
CA LEU A 229 -4.82 10.02 -18.06
C LEU A 229 -4.85 11.44 -18.62
N ALA A 230 -4.39 11.65 -19.83
CA ALA A 230 -4.43 12.96 -20.47
C ALA A 230 -5.86 13.33 -20.83
N SER A 231 -6.67 12.31 -21.09
CA SER A 231 -8.01 12.48 -21.61
C SER A 231 -8.99 12.83 -20.52
N ASP A 232 -10.03 13.52 -20.91
CA ASP A 232 -11.04 13.94 -19.94
C ASP A 232 -11.78 12.76 -19.33
N GLU A 233 -11.81 11.61 -19.97
CA GLU A 233 -12.55 10.48 -19.50
C GLU A 233 -12.00 9.92 -18.18
N SER A 234 -10.75 10.23 -17.84
CA SER A 234 -10.11 9.70 -16.66
C SER A 234 -10.23 10.62 -15.46
N SER A 235 -11.03 11.66 -15.55
CA SER A 235 -10.91 12.76 -14.62
C SER A 235 -11.24 12.46 -13.17
N VAL A 236 -11.95 11.39 -12.87
CA VAL A 236 -12.18 11.02 -11.47
C VAL A 236 -10.90 10.58 -10.78
N MET A 237 -9.86 10.22 -11.51
CA MET A 237 -8.66 9.71 -10.89
C MET A 237 -7.69 10.86 -10.60
N SER A 238 -7.32 11.04 -9.33
CA SER A 238 -6.28 11.96 -8.94
C SER A 238 -5.61 11.52 -7.65
N GLY A 239 -4.31 11.76 -7.58
CA GLY A 239 -3.52 11.35 -6.43
C GLY A 239 -3.20 9.90 -6.38
N SER A 240 -3.32 9.20 -7.52
CA SER A 240 -3.19 7.75 -7.56
C SER A 240 -1.97 7.29 -8.35
N GLU A 241 -1.66 6.00 -8.08
CA GLU A 241 -0.68 5.23 -8.84
C GLU A 241 -1.44 4.35 -9.80
N LEU A 242 -1.12 4.39 -11.08
CA LEU A 242 -1.58 3.44 -12.08
C LEU A 242 -0.42 2.44 -12.29
N HIS A 243 -0.64 1.23 -11.86
CA HIS A 243 0.37 0.20 -11.92
C HIS A 243 0.32 -0.50 -13.29
N ALA A 244 1.45 -0.57 -13.92
CA ALA A 244 1.56 -1.08 -15.27
C ALA A 244 2.60 -2.20 -15.31
N ASP A 245 2.56 -3.07 -14.32
CA ASP A 245 3.53 -4.16 -14.19
C ASP A 245 2.95 -5.51 -14.53
N ASN A 246 1.69 -5.60 -14.89
CA ASN A 246 1.14 -6.87 -15.42
C ASN A 246 1.28 -8.02 -14.43
N SER A 247 0.82 -7.80 -13.19
CA SER A 247 0.82 -8.80 -12.15
C SER A 247 2.16 -9.43 -11.84
N ILE A 248 3.22 -8.60 -11.75
CA ILE A 248 4.50 -9.09 -11.31
C ILE A 248 4.48 -9.57 -9.86
N LEU A 249 3.65 -8.94 -9.02
CA LEU A 249 3.64 -9.26 -7.60
C LEU A 249 3.20 -10.69 -7.37
N GLY A 250 4.03 -11.49 -6.71
CA GLY A 250 3.76 -12.89 -6.54
C GLY A 250 4.48 -13.80 -7.51
N MET A 251 5.02 -13.26 -8.60
CA MET A 251 5.84 -14.05 -9.53
C MET A 251 7.17 -14.40 -8.88
N GLY A 252 7.74 -15.53 -9.28
CA GLY A 252 9.07 -15.90 -8.81
C GLY A 252 9.12 -16.60 -7.48
N LEU A 253 7.97 -16.79 -6.86
CA LEU A 253 7.83 -17.37 -5.55
C LEU A 253 7.11 -18.70 -5.53
N THR B 1 10.08 -10.33 35.05
CA THR B 1 9.21 -11.52 34.97
C THR B 1 7.76 -11.22 35.26
N ASN B 2 7.40 -10.09 35.89
CA ASN B 2 5.99 -9.80 36.13
C ASN B 2 5.63 -8.49 35.43
N ARG B 3 6.29 -8.26 34.31
CA ARG B 3 6.17 -7.11 33.40
C ARG B 3 4.75 -6.91 32.92
N LEU B 4 4.06 -8.00 32.64
CA LEU B 4 2.67 -7.88 32.22
C LEU B 4 1.72 -8.32 33.30
N GLN B 5 2.11 -8.20 34.58
CA GLN B 5 1.26 -8.76 35.64
C GLN B 5 -0.20 -8.31 35.71
N GLY B 6 -0.50 -7.10 35.27
CA GLY B 6 -1.90 -6.69 35.21
C GLY B 6 -2.63 -6.94 33.93
N LYS B 7 -2.04 -7.68 33.02
CA LYS B 7 -2.74 -7.98 31.77
C LYS B 7 -3.60 -9.22 31.92
N VAL B 8 -4.74 -9.15 31.27
CA VAL B 8 -5.69 -10.26 31.20
C VAL B 8 -6.00 -10.46 29.73
N ALA B 9 -5.59 -11.62 29.22
CA ALA B 9 -5.63 -11.88 27.80
C ALA B 9 -6.57 -13.03 27.47
N LEU B 10 -7.15 -12.95 26.27
CA LEU B 10 -7.79 -14.09 25.62
C LEU B 10 -7.11 -14.33 24.28
N VAL B 11 -6.63 -15.53 24.06
CA VAL B 11 -5.96 -15.94 22.84
C VAL B 11 -6.77 -17.03 22.17
N THR B 12 -7.36 -16.76 21.01
CA THR B 12 -8.03 -17.82 20.28
C THR B 12 -7.03 -18.57 19.43
N GLY B 13 -7.33 -19.82 19.07
CA GLY B 13 -6.34 -20.68 18.48
C GLY B 13 -5.08 -20.87 19.27
N GLY B 14 -5.22 -20.97 20.59
CA GLY B 14 -4.13 -20.92 21.51
C GLY B 14 -3.42 -22.20 21.80
N ALA B 15 -3.77 -23.33 21.23
CA ALA B 15 -3.15 -24.61 21.61
C ALA B 15 -2.13 -25.13 20.64
N SER B 16 -1.84 -24.40 19.57
CA SER B 16 -0.79 -24.84 18.67
C SER B 16 -0.18 -23.63 18.01
N GLY B 17 0.98 -23.83 17.40
CA GLY B 17 1.65 -22.82 16.59
C GLY B 17 1.84 -21.49 17.26
N VAL B 18 1.57 -20.41 16.51
CA VAL B 18 1.76 -19.05 17.01
C VAL B 18 0.94 -18.84 18.29
N GLY B 19 -0.29 -19.29 18.33
CA GLY B 19 -1.15 -19.10 19.45
C GLY B 19 -0.59 -19.72 20.71
N LEU B 20 -0.07 -20.94 20.60
CA LEU B 20 0.59 -21.59 21.70
C LEU B 20 1.75 -20.79 22.24
N GLU B 21 2.58 -20.28 21.32
CA GLU B 21 3.76 -19.52 21.76
C GLU B 21 3.34 -18.17 22.36
N VAL B 22 2.23 -17.56 21.88
CA VAL B 22 1.70 -16.35 22.49
C VAL B 22 1.27 -16.62 23.91
N VAL B 23 0.54 -17.71 24.15
CA VAL B 23 0.07 -18.03 25.50
C VAL B 23 1.29 -18.15 26.42
N LYS B 24 2.30 -18.89 25.97
N LYS B 24 2.30 -18.88 25.95
CA LYS B 24 3.49 -19.09 26.77
CA LYS B 24 3.48 -19.12 26.77
C LYS B 24 4.20 -17.79 27.09
C LYS B 24 4.25 -17.84 27.04
N LEU B 25 4.40 -16.95 26.08
CA LEU B 25 5.12 -15.69 26.27
C LEU B 25 4.35 -14.78 27.23
N LEU B 26 3.05 -14.66 27.07
CA LEU B 26 2.25 -13.80 27.91
C LEU B 26 2.29 -14.31 29.35
N LEU B 27 2.13 -15.61 29.52
CA LEU B 27 2.22 -16.18 30.87
C LEU B 27 3.58 -15.94 31.48
N GLY B 28 4.63 -16.00 30.67
CA GLY B 28 5.99 -15.84 31.10
C GLY B 28 6.30 -14.43 31.57
N GLU B 29 5.48 -13.45 31.14
CA GLU B 29 5.60 -12.07 31.52
C GLU B 29 4.62 -11.69 32.64
N GLY B 30 3.95 -12.68 33.22
CA GLY B 30 3.11 -12.59 34.40
C GLY B 30 1.64 -12.33 34.14
N ALA B 31 1.18 -12.36 32.89
CA ALA B 31 -0.21 -12.11 32.59
C ALA B 31 -1.09 -13.26 33.03
N LYS B 32 -2.38 -13.00 33.05
CA LYS B 32 -3.41 -14.02 33.14
C LYS B 32 -3.92 -14.28 31.71
N VAL B 33 -4.03 -15.54 31.34
CA VAL B 33 -4.28 -15.85 29.92
C VAL B 33 -5.30 -16.96 29.78
N ALA B 34 -6.45 -16.61 29.20
CA ALA B 34 -7.43 -17.55 28.74
C ALA B 34 -7.10 -17.86 27.29
N PHE B 35 -7.44 -19.06 26.90
CA PHE B 35 -7.27 -19.43 25.49
C PHE B 35 -8.36 -20.39 25.12
N SER B 36 -8.67 -20.40 23.82
CA SER B 36 -9.57 -21.37 23.19
C SER B 36 -8.87 -22.02 22.01
N ASP B 37 -9.43 -23.10 21.45
CA ASP B 37 -8.83 -23.72 20.29
C ASP B 37 -9.83 -24.56 19.51
N ILE B 38 -9.62 -24.60 18.19
CA ILE B 38 -10.56 -25.36 17.34
C ILE B 38 -10.36 -26.83 17.71
N ASN B 39 -9.13 -27.22 18.05
CA ASN B 39 -8.82 -28.56 18.58
C ASN B 39 -9.09 -28.53 20.05
N GLU B 40 -10.32 -28.83 20.44
CA GLU B 40 -10.60 -28.68 21.87
C GLU B 40 -9.89 -29.66 22.79
N ALA B 41 -9.73 -30.91 22.50
CA ALA B 41 -8.95 -31.84 23.35
C ALA B 41 -7.53 -31.36 23.56
N ALA B 42 -6.93 -30.80 22.50
CA ALA B 42 -5.55 -30.30 22.64
C ALA B 42 -5.53 -29.12 23.61
N GLY B 43 -6.54 -28.27 23.59
CA GLY B 43 -6.58 -27.16 24.54
C GLY B 43 -6.71 -27.56 26.00
N GLN B 44 -7.54 -28.55 26.27
CA GLN B 44 -7.78 -28.97 27.65
C GLN B 44 -6.48 -29.58 28.19
N GLN B 45 -5.82 -30.37 27.31
CA GLN B 45 -4.52 -30.93 27.71
C GLN B 45 -3.49 -29.88 28.10
N LEU B 46 -3.35 -28.77 27.33
CA LEU B 46 -2.44 -27.69 27.59
C LEU B 46 -2.75 -26.96 28.87
N ALA B 47 -4.00 -26.71 29.19
CA ALA B 47 -4.41 -25.98 30.38
C ALA B 47 -4.01 -26.71 31.66
N ALA B 48 -4.07 -28.02 31.60
CA ALA B 48 -3.69 -28.86 32.75
C ALA B 48 -2.20 -28.67 33.01
N GLU B 49 -1.41 -28.38 31.96
CA GLU B 49 0.02 -28.18 32.21
C GLU B 49 0.41 -26.74 32.56
N LEU B 50 -0.29 -25.73 32.07
CA LEU B 50 0.10 -24.32 32.23
C LEU B 50 -0.24 -23.64 33.54
N GLY B 51 -1.04 -24.22 34.43
CA GLY B 51 -1.20 -23.58 35.72
C GLY B 51 -2.38 -22.67 35.91
N GLU B 52 -2.54 -22.13 37.12
CA GLU B 52 -3.61 -21.32 37.67
C GLU B 52 -3.81 -19.96 37.00
N ARG B 53 -2.81 -19.41 36.31
N ARG B 53 -2.82 -19.40 36.31
CA ARG B 53 -3.10 -18.12 35.66
CA ARG B 53 -3.08 -18.12 35.65
C ARG B 53 -3.52 -18.32 34.22
C ARG B 53 -3.56 -18.33 34.23
N SER B 54 -3.77 -19.56 33.84
CA SER B 54 -4.29 -19.90 32.52
C SER B 54 -5.66 -20.55 32.67
N MET B 55 -6.40 -20.52 31.58
CA MET B 55 -7.69 -21.18 31.54
C MET B 55 -8.01 -21.50 30.10
N PHE B 56 -8.50 -22.71 29.87
CA PHE B 56 -9.03 -23.06 28.58
C PHE B 56 -10.55 -22.94 28.58
N VAL B 57 -11.10 -22.45 27.47
CA VAL B 57 -12.54 -22.37 27.26
C VAL B 57 -12.89 -22.96 25.90
N ARG B 58 -13.93 -23.80 25.93
CA ARG B 58 -14.55 -24.22 24.68
C ARG B 58 -15.15 -23.04 23.91
N HIS B 59 -14.98 -22.98 22.61
CA HIS B 59 -15.34 -21.78 21.84
C HIS B 59 -15.56 -22.04 20.37
N ASP B 60 -16.79 -21.81 19.91
CA ASP B 60 -17.03 -21.74 18.47
C ASP B 60 -16.78 -20.29 18.05
N VAL B 61 -15.62 -20.09 17.43
CA VAL B 61 -15.23 -18.72 17.18
C VAL B 61 -16.10 -18.03 16.13
N SER B 62 -16.96 -18.75 15.44
CA SER B 62 -17.86 -18.13 14.49
C SER B 62 -19.25 -17.88 15.08
N SER B 63 -19.45 -18.18 16.39
CA SER B 63 -20.73 -17.96 17.05
C SER B 63 -20.82 -16.75 17.95
N GLU B 64 -21.70 -15.83 17.74
CA GLU B 64 -21.81 -14.68 18.61
C GLU B 64 -22.22 -15.07 20.04
N ALA B 65 -23.15 -16.02 20.09
CA ALA B 65 -23.61 -16.49 21.41
C ALA B 65 -22.48 -17.13 22.18
N ASP B 66 -21.63 -17.93 21.53
CA ASP B 66 -20.51 -18.50 22.31
C ASP B 66 -19.44 -17.48 22.71
N TRP B 67 -19.14 -16.52 21.81
CA TRP B 67 -18.25 -15.44 22.27
C TRP B 67 -18.79 -14.73 23.50
N THR B 68 -20.10 -14.49 23.55
CA THR B 68 -20.66 -13.79 24.69
C THR B 68 -20.37 -14.57 25.98
N LEU B 69 -20.51 -15.91 25.85
CA LEU B 69 -20.29 -16.72 27.03
C LEU B 69 -18.83 -16.79 27.43
N VAL B 70 -17.97 -16.86 26.41
CA VAL B 70 -16.55 -16.91 26.66
C VAL B 70 -16.07 -15.62 27.30
N MET B 71 -16.48 -14.47 26.77
CA MET B 71 -16.01 -13.21 27.32
C MET B 71 -16.45 -13.07 28.76
N ALA B 72 -17.69 -13.54 29.05
CA ALA B 72 -18.18 -13.45 30.42
C ALA B 72 -17.43 -14.38 31.35
N ALA B 73 -17.20 -15.61 30.98
CA ALA B 73 -16.50 -16.59 31.82
C ALA B 73 -15.06 -16.20 32.07
N VAL B 74 -14.39 -15.74 31.02
CA VAL B 74 -13.00 -15.38 31.18
C VAL B 74 -12.87 -14.24 32.18
N GLN B 75 -13.73 -13.24 31.99
CA GLN B 75 -13.59 -12.09 32.89
C GLN B 75 -14.03 -12.44 34.28
N ARG B 76 -14.98 -13.34 34.47
CA ARG B 76 -15.40 -13.76 35.83
C ARG B 76 -14.22 -14.40 36.55
N ARG B 77 -13.43 -15.22 35.85
CA ARG B 77 -12.33 -15.89 36.49
C ARG B 77 -11.07 -15.07 36.60
N LEU B 78 -10.76 -14.27 35.58
CA LEU B 78 -9.44 -13.65 35.48
C LEU B 78 -9.48 -12.14 35.60
N GLY B 79 -10.63 -11.47 35.57
CA GLY B 79 -10.64 -10.03 35.62
C GLY B 79 -10.94 -9.42 34.25
N THR B 80 -11.07 -8.09 34.25
CA THR B 80 -11.37 -7.31 33.09
C THR B 80 -10.30 -7.55 31.98
N LEU B 81 -10.80 -7.88 30.80
CA LEU B 81 -9.90 -8.16 29.67
C LEU B 81 -9.23 -6.88 29.23
N ASN B 82 -7.94 -6.98 28.91
CA ASN B 82 -7.26 -5.89 28.26
C ASN B 82 -6.33 -6.34 27.12
N VAL B 83 -6.30 -7.61 26.75
CA VAL B 83 -5.56 -8.10 25.59
C VAL B 83 -6.46 -9.12 24.90
N LEU B 84 -6.69 -8.98 23.60
CA LEU B 84 -7.39 -9.97 22.82
C LEU B 84 -6.55 -10.30 21.62
N VAL B 85 -6.23 -11.57 21.44
CA VAL B 85 -5.47 -12.04 20.29
C VAL B 85 -6.36 -12.94 19.44
N ASN B 86 -6.86 -12.42 18.33
CA ASN B 86 -7.69 -13.16 17.39
C ASN B 86 -6.79 -13.93 16.42
N ASN B 87 -6.44 -15.13 16.88
CA ASN B 87 -5.53 -15.99 16.16
C ASN B 87 -6.20 -17.22 15.56
N ALA B 88 -7.38 -17.58 15.98
CA ALA B 88 -8.06 -18.74 15.42
C ALA B 88 -8.22 -18.48 13.94
N GLY B 89 -7.96 -19.53 13.18
CA GLY B 89 -8.06 -19.46 11.72
C GLY B 89 -7.78 -20.82 11.15
N ILE B 90 -8.15 -20.97 9.90
CA ILE B 90 -7.87 -22.21 9.16
C ILE B 90 -7.26 -21.87 7.80
N LEU B 91 -6.44 -22.77 7.36
CA LEU B 91 -5.81 -22.71 6.04
C LEU B 91 -6.41 -23.82 5.21
N LEU B 92 -7.03 -23.47 4.12
CA LEU B 92 -7.50 -24.38 3.12
C LEU B 92 -6.98 -23.94 1.74
N PRO B 93 -6.65 -24.88 0.85
CA PRO B 93 -6.15 -24.49 -0.48
C PRO B 93 -7.28 -24.28 -1.44
N GLY B 94 -6.90 -23.58 -2.52
CA GLY B 94 -7.77 -23.47 -3.68
C GLY B 94 -7.31 -22.29 -4.51
N ASP B 95 -7.01 -22.53 -5.77
CA ASP B 95 -6.71 -21.43 -6.70
C ASP B 95 -7.99 -20.85 -7.30
N MET B 96 -7.82 -19.73 -8.00
CA MET B 96 -9.00 -19.11 -8.62
C MET B 96 -9.57 -19.94 -9.75
N GLU B 97 -8.82 -20.84 -10.37
CA GLU B 97 -9.39 -21.60 -11.46
C GLU B 97 -10.20 -22.79 -10.97
N THR B 98 -9.69 -23.58 -10.01
CA THR B 98 -10.22 -24.87 -9.65
C THR B 98 -10.59 -24.92 -8.18
N GLY B 99 -10.33 -23.89 -7.37
CA GLY B 99 -10.72 -23.93 -5.98
C GLY B 99 -12.18 -24.03 -5.73
N ARG B 100 -12.58 -24.54 -4.58
CA ARG B 100 -13.98 -24.81 -4.28
C ARG B 100 -14.61 -23.65 -3.53
N LEU B 101 -15.76 -23.23 -3.99
CA LEU B 101 -16.55 -22.21 -3.29
C LEU B 101 -16.82 -22.61 -1.85
N GLU B 102 -17.14 -23.88 -1.62
CA GLU B 102 -17.46 -24.23 -0.23
C GLU B 102 -16.25 -24.03 0.69
N ASP B 103 -15.03 -24.19 0.19
CA ASP B 103 -13.86 -23.92 1.02
C ASP B 103 -13.75 -22.42 1.31
N PHE B 104 -14.02 -21.61 0.28
CA PHE B 104 -13.95 -20.16 0.47
C PHE B 104 -14.97 -19.69 1.50
N SER B 105 -16.20 -20.21 1.42
CA SER B 105 -17.21 -19.83 2.40
C SER B 105 -16.78 -20.20 3.82
N ARG B 106 -16.20 -21.39 3.98
CA ARG B 106 -15.70 -21.78 5.30
C ARG B 106 -14.54 -20.90 5.79
N LEU B 107 -13.60 -20.56 4.90
CA LEU B 107 -12.55 -19.62 5.26
C LEU B 107 -13.12 -18.30 5.74
N LEU B 108 -14.14 -17.77 5.06
CA LEU B 108 -14.72 -16.50 5.49
C LEU B 108 -15.39 -16.64 6.84
N LYS B 109 -16.08 -17.73 7.06
CA LYS B 109 -16.80 -17.94 8.32
C LYS B 109 -15.84 -17.99 9.49
N ILE B 110 -14.83 -18.80 9.32
CA ILE B 110 -13.92 -19.05 10.42
C ILE B 110 -12.86 -17.99 10.58
N ASN B 111 -12.31 -17.48 9.52
CA ASN B 111 -11.22 -16.53 9.60
C ASN B 111 -11.69 -15.09 9.74
N THR B 112 -12.79 -14.72 9.10
CA THR B 112 -13.17 -13.34 8.94
C THR B 112 -14.29 -12.97 9.91
N GLU B 113 -15.35 -13.81 9.96
CA GLU B 113 -16.45 -13.54 10.87
C GLU B 113 -15.98 -13.64 12.31
N SER B 114 -15.03 -14.51 12.60
CA SER B 114 -14.50 -14.58 13.96
C SER B 114 -13.86 -13.27 14.40
N VAL B 115 -13.11 -12.63 13.50
CA VAL B 115 -12.46 -11.37 13.86
C VAL B 115 -13.50 -10.29 14.04
N PHE B 116 -14.56 -10.28 13.23
CA PHE B 116 -15.63 -9.35 13.40
C PHE B 116 -16.21 -9.47 14.80
N ILE B 117 -16.58 -10.69 15.19
CA ILE B 117 -17.24 -10.88 16.50
C ILE B 117 -16.27 -10.56 17.63
N GLY B 118 -15.03 -11.04 17.51
CA GLY B 118 -14.07 -10.81 18.57
C GLY B 118 -13.75 -9.33 18.74
N CYS B 119 -13.56 -8.61 17.62
CA CYS B 119 -13.35 -7.19 17.77
C CYS B 119 -14.58 -6.48 18.38
N GLN B 120 -15.79 -6.84 17.92
CA GLN B 120 -17.00 -6.19 18.44
C GLN B 120 -17.12 -6.39 19.93
N GLN B 121 -16.96 -7.64 20.33
CA GLN B 121 -17.09 -7.94 21.77
C GLN B 121 -15.85 -7.53 22.56
N GLY B 122 -14.68 -7.47 21.95
CA GLY B 122 -13.51 -6.90 22.57
C GLY B 122 -13.64 -5.43 22.85
N ILE B 123 -14.23 -4.68 21.92
CA ILE B 123 -14.50 -3.25 22.20
C ILE B 123 -15.44 -3.12 23.39
N ALA B 124 -16.51 -3.93 23.46
CA ALA B 124 -17.39 -3.86 24.59
C ALA B 124 -16.66 -4.13 25.90
N ALA B 125 -15.74 -5.09 25.92
CA ALA B 125 -15.06 -5.43 27.14
C ALA B 125 -14.05 -4.38 27.57
N MET B 126 -13.40 -3.74 26.60
CA MET B 126 -12.28 -2.88 26.88
C MET B 126 -12.58 -1.38 26.80
N LYS B 127 -13.81 -0.96 26.39
CA LYS B 127 -13.95 0.47 26.11
C LYS B 127 -13.79 1.35 27.35
N GLU B 128 -14.14 0.80 28.52
CA GLU B 128 -14.06 1.68 29.73
C GLU B 128 -12.63 1.99 30.14
N THR B 129 -11.76 0.96 30.06
CA THR B 129 -10.46 1.04 30.68
C THR B 129 -9.32 0.88 29.69
N GLY B 130 -9.58 0.31 28.52
CA GLY B 130 -8.60 0.29 27.46
C GLY B 130 -7.99 -1.09 27.26
N GLY B 131 -7.22 -1.16 26.17
CA GLY B 131 -6.51 -2.42 25.91
C GLY B 131 -6.02 -2.50 24.48
N SER B 132 -5.67 -3.71 24.09
CA SER B 132 -5.03 -3.99 22.81
C SER B 132 -5.67 -5.23 22.17
N ILE B 133 -6.05 -5.08 20.91
CA ILE B 133 -6.63 -6.16 20.13
C ILE B 133 -5.65 -6.43 18.98
N ILE B 134 -5.27 -7.68 18.82
CA ILE B 134 -4.29 -8.10 17.86
C ILE B 134 -4.92 -9.13 16.94
N ASN B 135 -5.03 -8.85 15.65
CA ASN B 135 -5.64 -9.73 14.69
C ASN B 135 -4.56 -10.40 13.85
N MET B 136 -4.51 -11.75 13.86
CA MET B 136 -3.57 -12.45 13.05
C MET B 136 -4.07 -12.50 11.59
N ALA B 137 -3.21 -12.03 10.71
CA ALA B 137 -3.44 -12.03 9.28
C ALA B 137 -2.37 -12.90 8.65
N SER B 138 -1.81 -12.47 7.52
CA SER B 138 -0.85 -13.28 6.78
C SER B 138 -0.20 -12.35 5.78
N VAL B 139 1.02 -12.67 5.37
CA VAL B 139 1.65 -12.02 4.22
C VAL B 139 0.73 -12.09 3.02
N SER B 140 -0.06 -13.16 2.91
CA SER B 140 -0.89 -13.39 1.74
C SER B 140 -2.08 -12.45 1.67
N SER B 141 -2.32 -11.64 2.72
CA SER B 141 -3.34 -10.63 2.57
C SER B 141 -2.99 -9.58 1.51
N TRP B 142 -1.71 -9.35 1.28
CA TRP B 142 -1.24 -8.42 0.25
C TRP B 142 -0.40 -9.06 -0.81
N LEU B 143 0.25 -10.21 -0.50
CA LEU B 143 1.11 -10.87 -1.47
C LEU B 143 0.34 -12.04 -2.05
N PRO B 144 -0.09 -12.02 -3.31
CA PRO B 144 -0.89 -13.15 -3.80
C PRO B 144 -0.05 -14.41 -3.89
N ILE B 145 -0.71 -15.50 -3.56
N ILE B 145 -0.73 -15.50 -3.59
CA ILE B 145 -0.18 -16.87 -3.57
CA ILE B 145 -0.20 -16.84 -3.63
C ILE B 145 -1.22 -17.71 -4.28
C ILE B 145 -1.28 -17.66 -4.33
N GLU B 146 -0.86 -18.26 -5.44
CA GLU B 146 -1.87 -18.88 -6.34
C GLU B 146 -2.75 -19.87 -5.64
N GLN B 147 -2.21 -20.77 -4.81
N GLN B 147 -2.20 -20.76 -4.82
CA GLN B 147 -2.99 -21.86 -4.26
CA GLN B 147 -2.99 -21.85 -4.27
C GLN B 147 -3.82 -21.44 -3.05
C GLN B 147 -3.71 -21.47 -2.98
N TYR B 148 -3.69 -20.21 -2.58
CA TYR B 148 -4.37 -19.79 -1.36
C TYR B 148 -5.20 -18.52 -1.58
N ALA B 149 -5.96 -18.51 -2.67
CA ALA B 149 -6.72 -17.32 -3.05
C ALA B 149 -7.73 -16.94 -1.99
N GLY B 150 -8.56 -17.90 -1.56
CA GLY B 150 -9.59 -17.61 -0.60
C GLY B 150 -9.02 -17.27 0.76
N TYR B 151 -7.95 -17.95 1.13
CA TYR B 151 -7.30 -17.60 2.40
C TYR B 151 -6.81 -16.16 2.38
N SER B 152 -6.13 -15.79 1.30
CA SER B 152 -5.70 -14.40 1.12
C SER B 152 -6.82 -13.41 1.30
N ALA B 153 -7.93 -13.68 0.60
CA ALA B 153 -9.08 -12.79 0.70
C ALA B 153 -9.64 -12.66 2.10
N SER B 154 -9.69 -13.83 2.79
CA SER B 154 -10.15 -13.81 4.17
C SER B 154 -9.29 -12.95 5.09
N LYS B 155 -7.99 -12.94 4.83
CA LYS B 155 -7.06 -12.19 5.67
C LYS B 155 -6.99 -10.72 5.27
N ALA B 156 -7.18 -10.41 3.98
CA ALA B 156 -7.36 -9.01 3.57
C ALA B 156 -8.59 -8.42 4.25
N ALA B 157 -9.66 -9.19 4.33
CA ALA B 157 -10.86 -8.74 5.04
C ALA B 157 -10.55 -8.48 6.51
N VAL B 158 -9.76 -9.36 7.16
CA VAL B 158 -9.33 -9.14 8.53
C VAL B 158 -8.58 -7.83 8.70
N SER B 159 -7.71 -7.48 7.77
CA SER B 159 -6.99 -6.22 7.85
C SER B 159 -7.92 -5.03 7.76
N ALA B 160 -8.94 -5.12 6.89
CA ALA B 160 -9.94 -4.06 6.79
C ALA B 160 -10.73 -3.90 8.09
N LEU B 161 -11.10 -5.02 8.70
CA LEU B 161 -11.80 -4.97 9.96
C LEU B 161 -10.94 -4.33 11.05
N THR B 162 -9.64 -4.62 11.02
CA THR B 162 -8.69 -4.03 11.94
C THR B 162 -8.71 -2.51 11.86
N ARG B 163 -8.63 -1.96 10.62
CA ARG B 163 -8.68 -0.52 10.44
C ARG B 163 -9.99 0.06 10.91
N ALA B 164 -11.13 -0.55 10.59
CA ALA B 164 -12.42 -0.02 11.01
C ALA B 164 -12.52 0.00 12.53
N ALA B 165 -12.08 -1.07 13.20
CA ALA B 165 -12.14 -1.13 14.66
C ALA B 165 -11.23 -0.08 15.28
N ALA B 166 -10.02 0.06 14.74
CA ALA B 166 -9.09 1.06 15.28
C ALA B 166 -9.66 2.48 15.14
N LEU B 167 -10.27 2.75 13.99
CA LEU B 167 -10.82 4.09 13.73
C LEU B 167 -11.98 4.39 14.65
N SER B 168 -12.87 3.40 14.79
CA SER B 168 -14.01 3.64 15.71
C SER B 168 -13.51 3.88 17.11
N CYS B 169 -12.50 3.12 17.55
CA CYS B 169 -11.99 3.30 18.89
C CYS B 169 -11.42 4.73 19.00
N ARG B 170 -10.65 5.20 18.03
CA ARG B 170 -10.11 6.55 18.14
C ARG B 170 -11.25 7.60 18.18
N LYS B 171 -12.23 7.47 17.29
CA LYS B 171 -13.30 8.45 17.18
C LYS B 171 -14.16 8.50 18.42
N GLN B 172 -14.31 7.34 19.10
CA GLN B 172 -15.14 7.23 20.29
C GLN B 172 -14.36 7.46 21.57
N GLY B 173 -13.06 7.72 21.48
CA GLY B 173 -12.29 7.96 22.71
C GLY B 173 -11.97 6.79 23.58
N TYR B 174 -11.99 5.59 22.97
CA TYR B 174 -11.58 4.38 23.67
C TYR B 174 -10.08 4.20 23.57
N ALA B 175 -9.45 3.92 24.69
CA ALA B 175 -7.99 3.71 24.72
C ALA B 175 -7.71 2.27 24.29
N ILE B 176 -8.17 1.91 23.10
CA ILE B 176 -8.01 0.59 22.55
C ILE B 176 -7.26 0.68 21.24
N ARG B 177 -6.18 -0.05 21.12
CA ARG B 177 -5.45 -0.17 19.84
C ARG B 177 -5.86 -1.45 19.16
N VAL B 178 -5.94 -1.42 17.83
CA VAL B 178 -6.28 -2.60 17.05
C VAL B 178 -5.29 -2.66 15.90
N ASN B 179 -4.55 -3.77 15.77
CA ASN B 179 -3.53 -3.93 14.75
C ASN B 179 -3.51 -5.36 14.26
N SER B 180 -2.95 -5.56 13.10
CA SER B 180 -2.85 -6.90 12.54
C SER B 180 -1.39 -7.27 12.34
N ILE B 181 -1.10 -8.57 12.35
CA ILE B 181 0.24 -9.14 12.13
C ILE B 181 0.22 -10.05 10.92
N HIS B 182 1.19 -9.92 10.02
CA HIS B 182 1.16 -10.60 8.73
C HIS B 182 2.40 -11.48 8.55
N PRO B 183 2.41 -12.69 9.09
CA PRO B 183 3.57 -13.58 8.94
C PRO B 183 3.59 -14.30 7.60
N ASP B 184 4.77 -14.80 7.27
CA ASP B 184 4.91 -15.75 6.16
C ASP B 184 4.60 -17.15 6.71
N GLY B 185 5.33 -18.23 6.40
CA GLY B 185 4.97 -19.53 6.90
C GLY B 185 5.42 -19.74 8.34
N ILE B 186 4.71 -20.64 9.01
CA ILE B 186 4.97 -20.98 10.39
C ILE B 186 5.43 -22.42 10.54
N TYR B 187 6.66 -22.63 10.96
CA TYR B 187 7.16 -24.00 11.13
C TYR B 187 6.62 -24.60 12.43
N THR B 188 5.93 -25.70 12.36
CA THR B 188 5.36 -26.40 13.50
C THR B 188 5.51 -27.91 13.31
N PRO B 189 5.28 -28.70 14.34
CA PRO B 189 5.22 -30.18 14.20
C PRO B 189 4.25 -30.62 13.09
N MET B 190 3.14 -29.91 12.89
CA MET B 190 2.23 -30.25 11.78
C MET B 190 2.85 -30.06 10.41
N MET B 191 3.52 -28.96 10.13
CA MET B 191 4.25 -28.62 8.97
C MET B 191 5.30 -29.73 8.79
N GLN B 192 6.08 -30.02 9.82
CA GLN B 192 7.09 -31.07 9.64
C GLN B 192 6.50 -32.40 9.24
N ALA B 193 5.39 -32.76 9.88
CA ALA B 193 4.81 -34.09 9.58
C ALA B 193 4.22 -34.08 8.18
N SER B 194 3.89 -32.91 7.68
CA SER B 194 3.24 -32.73 6.41
C SER B 194 4.25 -32.80 5.25
N LEU B 195 5.53 -32.59 5.53
CA LEU B 195 6.52 -32.52 4.45
C LEU B 195 6.72 -33.86 3.78
N PRO B 196 7.10 -33.92 2.50
CA PRO B 196 7.44 -35.23 1.93
C PRO B 196 8.49 -35.92 2.77
N LYS B 197 8.47 -37.25 2.75
CA LYS B 197 9.36 -37.95 3.70
C LYS B 197 10.80 -37.66 3.32
N GLY B 198 11.62 -37.39 4.36
CA GLY B 198 13.02 -37.08 4.13
C GLY B 198 13.29 -35.60 4.06
N VAL B 199 12.27 -34.76 3.92
CA VAL B 199 12.46 -33.32 4.07
C VAL B 199 12.59 -32.87 5.50
N SER B 200 13.64 -32.06 5.72
CA SER B 200 14.03 -31.69 7.07
C SER B 200 13.69 -30.21 7.26
N LYS B 201 13.72 -29.76 8.51
CA LYS B 201 13.31 -28.41 8.84
C LYS B 201 14.20 -27.41 8.10
N GLU B 202 15.46 -27.73 7.88
CA GLU B 202 16.38 -26.80 7.22
C GLU B 202 16.04 -26.50 5.77
N MET B 203 15.25 -27.39 5.19
CA MET B 203 14.78 -27.24 3.82
C MET B 203 13.60 -26.29 3.71
N VAL B 204 12.95 -25.94 4.83
CA VAL B 204 11.77 -25.04 4.73
C VAL B 204 11.97 -23.74 5.53
N LEU B 205 12.76 -23.77 6.61
CA LEU B 205 13.01 -22.54 7.40
C LEU B 205 13.93 -21.61 6.63
N HIS B 206 13.54 -20.33 6.60
CA HIS B 206 14.53 -19.35 6.18
C HIS B 206 15.77 -19.44 7.05
N ASP B 207 16.94 -19.34 6.43
CA ASP B 207 18.23 -19.27 7.12
C ASP B 207 19.20 -18.53 6.19
N PRO B 208 19.91 -17.53 6.69
CA PRO B 208 20.77 -16.78 5.76
C PRO B 208 21.92 -17.52 5.20
N LYS B 209 22.32 -18.63 5.85
CA LYS B 209 23.40 -19.45 5.29
C LYS B 209 22.87 -20.61 4.47
N LEU B 210 21.83 -21.23 4.95
CA LEU B 210 21.39 -22.49 4.36
C LEU B 210 20.24 -22.41 3.40
N ASN B 211 19.40 -21.36 3.51
CA ASN B 211 18.18 -21.34 2.78
C ASN B 211 17.59 -19.90 2.70
N ARG B 212 18.23 -19.08 1.89
CA ARG B 212 17.83 -17.68 1.81
C ARG B 212 16.44 -17.49 1.28
N ALA B 213 15.99 -18.46 0.45
CA ALA B 213 14.65 -18.40 -0.13
C ALA B 213 13.56 -19.03 0.71
N GLY B 214 13.94 -19.54 1.88
CA GLY B 214 12.97 -20.20 2.75
C GLY B 214 11.84 -19.31 3.21
N ARG B 215 10.66 -19.90 3.36
CA ARG B 215 9.43 -19.17 3.62
C ARG B 215 8.90 -19.44 5.03
N ALA B 216 9.51 -20.29 5.84
CA ALA B 216 8.96 -20.66 7.12
C ALA B 216 9.82 -20.15 8.27
N TYR B 217 9.18 -19.84 9.41
CA TYR B 217 9.67 -19.18 10.56
C TYR B 217 9.18 -19.86 11.83
N MET B 218 9.98 -19.86 12.88
CA MET B 218 9.53 -20.44 14.15
C MET B 218 8.42 -19.61 14.73
N PRO B 219 7.39 -20.24 15.24
CA PRO B 219 6.20 -19.49 15.78
C PRO B 219 6.55 -18.55 16.90
N GLU B 220 7.52 -18.85 17.74
CA GLU B 220 7.92 -17.90 18.79
C GLU B 220 8.31 -16.55 18.20
N ARG B 221 8.87 -16.51 17.00
CA ARG B 221 9.31 -15.26 16.39
C ARG B 221 8.13 -14.39 16.05
N ILE B 222 6.99 -14.96 15.68
N ILE B 222 6.99 -14.96 15.71
CA ILE B 222 5.75 -14.22 15.47
CA ILE B 222 5.77 -14.17 15.49
C ILE B 222 5.15 -13.79 16.80
C ILE B 222 5.11 -13.81 16.79
N ALA B 223 5.17 -14.71 17.77
CA ALA B 223 4.60 -14.43 19.08
C ALA B 223 5.26 -13.21 19.71
N GLN B 224 6.53 -12.97 19.46
CA GLN B 224 7.18 -11.77 20.01
C GLN B 224 6.50 -10.49 19.54
N LEU B 225 6.01 -10.47 18.32
CA LEU B 225 5.29 -9.30 17.80
C LEU B 225 3.98 -9.10 18.52
N VAL B 226 3.30 -10.21 18.80
CA VAL B 226 2.07 -10.16 19.58
C VAL B 226 2.36 -9.61 20.98
N LEU B 227 3.44 -10.10 21.61
CA LEU B 227 3.81 -9.61 22.91
C LEU B 227 4.03 -8.11 22.93
N PHE B 228 4.75 -7.60 21.91
CA PHE B 228 4.97 -6.17 21.81
C PHE B 228 3.65 -5.41 21.73
N LEU B 229 2.75 -5.86 20.85
CA LEU B 229 1.48 -5.19 20.70
C LEU B 229 0.59 -5.31 21.93
N ALA B 230 0.74 -6.37 22.72
CA ALA B 230 0.00 -6.50 23.97
C ALA B 230 0.52 -5.57 25.06
N SER B 231 1.78 -5.22 24.99
CA SER B 231 2.45 -4.41 25.99
C SER B 231 2.11 -2.92 25.81
N ASP B 232 2.17 -2.18 26.90
CA ASP B 232 1.88 -0.77 26.92
C ASP B 232 2.86 0.01 26.02
N GLU B 233 4.04 -0.55 25.83
CA GLU B 233 5.09 0.17 25.10
C GLU B 233 4.78 0.39 23.66
N SER B 234 3.83 -0.35 23.10
CA SER B 234 3.47 -0.19 21.70
C SER B 234 2.28 0.73 21.46
N SER B 235 1.84 1.45 22.50
CA SER B 235 0.52 2.09 22.41
C SER B 235 0.32 3.12 21.31
N VAL B 236 1.35 3.72 20.74
CA VAL B 236 1.12 4.69 19.66
C VAL B 236 0.63 4.01 18.39
N MET B 237 0.81 2.72 18.27
CA MET B 237 0.41 2.02 17.05
C MET B 237 -1.03 1.58 17.10
N SER B 238 -1.82 2.01 16.14
CA SER B 238 -3.19 1.52 15.99
C SER B 238 -3.62 1.66 14.55
N GLY B 239 -4.42 0.69 14.10
CA GLY B 239 -4.89 0.65 12.74
C GLY B 239 -3.87 0.18 11.75
N SER B 240 -2.80 -0.46 12.19
CA SER B 240 -1.67 -0.75 11.31
C SER B 240 -1.50 -2.25 11.09
N GLU B 241 -0.76 -2.53 10.01
CA GLU B 241 -0.24 -3.84 9.73
C GLU B 241 1.21 -3.93 10.20
N LEU B 242 1.53 -4.95 10.99
N LEU B 242 1.57 -4.96 10.97
CA LEU B 242 2.92 -5.26 11.25
CA LEU B 242 2.92 -5.32 11.39
C LEU B 242 3.25 -6.44 10.38
C LEU B 242 3.38 -6.48 10.51
N HIS B 243 4.24 -6.22 9.53
CA HIS B 243 4.62 -7.26 8.61
C HIS B 243 5.74 -8.10 9.18
N ALA B 244 5.61 -9.42 9.05
CA ALA B 244 6.52 -10.37 9.67
C ALA B 244 6.94 -11.37 8.62
N ASP B 245 7.50 -10.83 7.53
CA ASP B 245 7.84 -11.65 6.37
C ASP B 245 9.30 -11.57 5.99
N ASN B 246 10.14 -10.93 6.76
CA ASN B 246 11.56 -10.98 6.53
C ASN B 246 11.96 -10.62 5.12
N SER B 247 11.47 -9.48 4.62
CA SER B 247 11.84 -8.97 3.29
C SER B 247 11.59 -9.95 2.15
N ILE B 248 10.44 -10.60 2.18
CA ILE B 248 10.09 -11.47 1.04
C ILE B 248 9.83 -10.68 -0.23
N LEU B 249 9.38 -9.44 -0.11
CA LEU B 249 9.05 -8.69 -1.30
C LEU B 249 10.30 -8.37 -2.11
N GLY B 250 10.34 -8.78 -3.37
CA GLY B 250 11.49 -8.63 -4.25
C GLY B 250 12.30 -9.91 -4.37
N MET B 251 12.08 -10.88 -3.51
CA MET B 251 12.72 -12.16 -3.68
C MET B 251 12.18 -12.89 -4.88
N GLY B 252 12.98 -13.77 -5.46
CA GLY B 252 12.49 -14.62 -6.54
C GLY B 252 12.58 -13.92 -7.87
N LEU B 253 12.90 -12.67 -7.92
CA LEU B 253 12.96 -11.92 -9.17
C LEU B 253 14.35 -11.49 -9.53
N THR C 1 18.22 -2.71 33.13
CA THR C 1 18.30 -4.15 32.78
C THR C 1 19.50 -4.43 31.90
N ASN C 2 19.80 -5.70 31.69
CA ASN C 2 20.92 -6.11 30.88
C ASN C 2 20.41 -6.80 29.62
N ARG C 3 19.16 -6.57 29.31
CA ARG C 3 18.47 -7.06 28.14
C ARG C 3 19.18 -6.89 26.80
N LEU C 4 19.74 -5.69 26.63
CA LEU C 4 20.48 -5.41 25.39
C LEU C 4 21.97 -5.25 25.67
N GLN C 5 22.48 -5.97 26.68
CA GLN C 5 23.84 -5.66 27.15
C GLN C 5 24.86 -5.80 26.03
N GLY C 6 24.70 -6.73 25.11
CA GLY C 6 25.59 -6.95 23.96
C GLY C 6 25.34 -6.11 22.71
N LYS C 7 24.44 -5.15 22.82
CA LYS C 7 24.15 -4.29 21.68
C LYS C 7 25.06 -3.07 21.72
N VAL C 8 25.48 -2.69 20.53
CA VAL C 8 26.29 -1.55 20.24
C VAL C 8 25.55 -0.73 19.18
N ALA C 9 25.10 0.46 19.58
CA ALA C 9 24.25 1.29 18.73
C ALA C 9 24.92 2.59 18.37
N LEU C 10 24.52 3.12 17.21
CA LEU C 10 24.75 4.47 16.78
C LEU C 10 23.37 5.10 16.50
N VAL C 11 23.10 6.22 17.14
CA VAL C 11 21.85 6.97 16.91
C VAL C 11 22.25 8.34 16.36
N THR C 12 21.91 8.63 15.12
CA THR C 12 22.20 9.91 14.53
C THR C 12 21.12 10.90 14.95
N GLY C 13 21.46 12.17 15.02
CA GLY C 13 20.50 13.13 15.59
C GLY C 13 20.11 12.80 17.00
N GLY C 14 21.05 12.29 17.77
CA GLY C 14 20.74 11.65 19.05
C GLY C 14 20.80 12.56 20.24
N ALA C 15 21.09 13.86 20.06
CA ALA C 15 21.21 14.77 21.21
C ALA C 15 19.92 15.48 21.59
N SER C 16 18.82 15.20 20.85
CA SER C 16 17.54 15.79 21.21
C SER C 16 16.38 14.98 20.69
N GLY C 17 15.14 15.30 21.07
CA GLY C 17 14.02 14.61 20.44
C GLY C 17 13.84 13.13 20.61
N VAL C 18 13.27 12.46 19.62
CA VAL C 18 13.16 11.02 19.60
C VAL C 18 14.57 10.46 19.74
N GLY C 19 15.56 11.06 19.07
CA GLY C 19 16.90 10.52 19.12
C GLY C 19 17.40 10.35 20.53
N LEU C 20 17.25 11.45 21.30
CA LEU C 20 17.70 11.38 22.70
C LEU C 20 16.88 10.39 23.50
N GLU C 21 15.55 10.29 23.30
CA GLU C 21 14.76 9.26 23.96
C GLU C 21 15.21 7.84 23.61
N VAL C 22 15.57 7.63 22.33
CA VAL C 22 16.13 6.35 21.93
C VAL C 22 17.42 6.04 22.66
N VAL C 23 18.30 7.04 22.73
CA VAL C 23 19.58 6.86 23.43
C VAL C 23 19.36 6.41 24.87
N LYS C 24 18.46 7.10 25.56
CA LYS C 24 18.13 6.79 26.93
C LYS C 24 17.50 5.43 27.09
N LEU C 25 16.57 5.02 26.21
CA LEU C 25 16.01 3.68 26.35
C LEU C 25 17.04 2.61 26.10
N LEU C 26 17.85 2.77 25.06
CA LEU C 26 18.88 1.75 24.78
C LEU C 26 19.83 1.64 25.96
N LEU C 27 20.27 2.80 26.50
CA LEU C 27 21.21 2.74 27.66
C LEU C 27 20.57 2.02 28.83
N GLY C 28 19.29 2.32 29.01
CA GLY C 28 18.56 1.70 30.10
C GLY C 28 18.37 0.22 29.98
N GLU C 29 18.51 -0.35 28.80
CA GLU C 29 18.52 -1.80 28.64
C GLU C 29 19.92 -2.44 28.57
N GLY C 30 20.93 -1.67 28.91
CA GLY C 30 22.30 -2.11 29.01
C GLY C 30 23.09 -2.00 27.75
N ALA C 31 22.58 -1.40 26.67
CA ALA C 31 23.38 -1.28 25.46
C ALA C 31 24.50 -0.27 25.63
N LYS C 32 25.48 -0.34 24.78
CA LYS C 32 26.43 0.75 24.56
C LYS C 32 25.89 1.59 23.41
N VAL C 33 25.90 2.90 23.55
CA VAL C 33 25.23 3.76 22.57
C VAL C 33 26.06 4.99 22.23
N ALA C 34 26.49 5.08 20.99
CA ALA C 34 27.02 6.30 20.44
C ALA C 34 25.89 7.12 19.90
N PHE C 35 25.99 8.42 20.07
CA PHE C 35 24.99 9.29 19.47
C PHE C 35 25.80 10.38 18.78
N SER C 36 25.32 10.76 17.61
CA SER C 36 25.97 11.79 16.84
C SER C 36 25.03 12.96 16.62
N ASP C 37 25.63 14.10 16.45
CA ASP C 37 24.86 15.30 16.25
C ASP C 37 25.87 16.40 15.83
N ILE C 38 25.31 17.57 15.62
CA ILE C 38 26.13 18.67 15.15
C ILE C 38 26.61 19.62 16.23
N ASN C 39 26.05 19.77 17.42
CA ASN C 39 26.60 20.74 18.39
C ASN C 39 27.50 19.94 19.35
N GLU C 40 28.77 20.06 19.09
CA GLU C 40 29.76 19.27 19.78
C GLU C 40 29.83 19.56 21.26
N ALA C 41 29.80 20.85 21.65
CA ALA C 41 29.94 21.12 23.09
C ALA C 41 28.78 20.55 23.87
N ALA C 42 27.55 20.76 23.36
CA ALA C 42 26.40 20.21 24.03
C ALA C 42 26.34 18.67 24.07
N GLY C 43 26.75 18.11 22.95
CA GLY C 43 26.80 16.66 22.86
C GLY C 43 27.75 16.01 23.83
N GLN C 44 28.91 16.66 24.00
CA GLN C 44 29.86 16.17 24.99
C GLN C 44 29.39 16.32 26.41
N GLN C 45 28.69 17.40 26.73
CA GLN C 45 28.13 17.58 28.06
C GLN C 45 27.12 16.47 28.33
N LEU C 46 26.32 16.12 27.33
CA LEU C 46 25.33 15.07 27.43
C LEU C 46 25.98 13.71 27.63
N ALA C 47 27.03 13.43 26.88
CA ALA C 47 27.69 12.13 27.02
C ALA C 47 28.32 12.00 28.40
N ALA C 48 28.82 13.12 28.93
CA ALA C 48 29.35 13.09 30.30
C ALA C 48 28.28 12.69 31.32
N GLU C 49 27.06 13.24 31.15
CA GLU C 49 25.94 12.97 32.01
C GLU C 49 25.44 11.55 31.85
N LEU C 50 25.43 10.99 30.64
CA LEU C 50 24.89 9.66 30.38
C LEU C 50 25.86 8.56 30.76
N GLY C 51 27.15 8.88 30.90
CA GLY C 51 28.10 7.88 31.35
C GLY C 51 28.84 7.15 30.27
N GLU C 52 29.71 6.26 30.74
CA GLU C 52 30.73 5.64 29.90
C GLU C 52 30.23 4.63 28.91
N ARG C 53 28.97 4.21 29.06
CA ARG C 53 28.37 3.37 27.99
C ARG C 53 27.83 4.19 26.84
N SER C 54 27.96 5.50 26.92
CA SER C 54 27.57 6.39 25.88
C SER C 54 28.80 7.08 25.32
N MET C 55 28.69 7.53 24.10
CA MET C 55 29.71 8.27 23.42
C MET C 55 29.10 9.30 22.49
N PHE C 56 29.61 10.53 22.49
CA PHE C 56 29.18 11.51 21.54
C PHE C 56 30.15 11.59 20.42
N VAL C 57 29.75 11.72 19.16
CA VAL C 57 30.63 12.03 18.06
C VAL C 57 30.00 13.09 17.18
N ARG C 58 30.81 14.08 16.79
CA ARG C 58 30.28 15.08 15.84
C ARG C 58 30.06 14.43 14.49
N HIS C 59 29.00 14.82 13.76
CA HIS C 59 28.72 14.11 12.53
C HIS C 59 27.85 14.92 11.57
N ASP C 60 28.35 15.20 10.38
CA ASP C 60 27.58 15.72 9.26
C ASP C 60 27.04 14.46 8.55
N VAL C 61 25.76 14.17 8.74
CA VAL C 61 25.18 12.96 8.20
C VAL C 61 25.10 12.97 6.68
N SER C 62 25.35 14.09 6.02
N SER C 62 25.36 14.10 6.04
CA SER C 62 25.38 14.09 4.57
CA SER C 62 25.39 14.13 4.59
C SER C 62 26.80 13.89 4.04
C SER C 62 26.79 13.86 4.03
N SER C 63 27.78 13.68 4.89
CA SER C 63 29.14 13.46 4.41
C SER C 63 29.62 12.04 4.53
N GLU C 64 30.04 11.45 3.41
CA GLU C 64 30.55 10.08 3.44
C GLU C 64 31.82 9.94 4.29
N ALA C 65 32.72 10.93 4.20
CA ALA C 65 33.94 10.97 4.98
C ALA C 65 33.64 11.01 6.47
N ASP C 66 32.67 11.84 6.92
CA ASP C 66 32.31 11.87 8.33
C ASP C 66 31.78 10.52 8.79
N TRP C 67 30.86 9.93 7.97
CA TRP C 67 30.32 8.60 8.32
C TRP C 67 31.46 7.56 8.47
N THR C 68 32.46 7.56 7.60
CA THR C 68 33.53 6.54 7.73
C THR C 68 34.29 6.66 9.01
N LEU C 69 34.56 7.92 9.38
CA LEU C 69 35.28 8.15 10.59
C LEU C 69 34.46 7.84 11.83
N VAL C 70 33.18 8.21 11.77
CA VAL C 70 32.28 7.92 12.88
C VAL C 70 32.14 6.43 13.11
N MET C 71 31.91 5.65 12.03
CA MET C 71 31.75 4.20 12.17
C MET C 71 32.98 3.57 12.79
N ALA C 72 34.16 4.04 12.35
CA ALA C 72 35.40 3.50 12.86
C ALA C 72 35.60 3.91 14.32
N ALA C 73 35.28 5.19 14.67
CA ALA C 73 35.52 5.59 16.06
C ALA C 73 34.58 4.97 17.08
N VAL C 74 33.29 4.89 16.69
CA VAL C 74 32.31 4.21 17.51
C VAL C 74 32.74 2.81 17.83
N GLN C 75 33.14 2.08 16.77
CA GLN C 75 33.41 0.65 16.98
C GLN C 75 34.73 0.44 17.70
N ARG C 76 35.66 1.34 17.53
CA ARG C 76 36.91 1.26 18.30
C ARG C 76 36.65 1.40 19.78
N ARG C 77 35.76 2.32 20.16
CA ARG C 77 35.47 2.58 21.54
C ARG C 77 34.50 1.58 22.13
N LEU C 78 33.46 1.18 21.40
CA LEU C 78 32.34 0.45 21.97
C LEU C 78 32.20 -0.98 21.48
N GLY C 79 32.89 -1.32 20.41
CA GLY C 79 32.82 -2.66 19.84
C GLY C 79 32.05 -2.70 18.54
N THR C 80 31.91 -3.87 17.98
CA THR C 80 31.24 -4.08 16.70
C THR C 80 29.80 -3.58 16.77
N LEU C 81 29.46 -2.74 15.78
CA LEU C 81 28.09 -2.20 15.72
C LEU C 81 27.08 -3.27 15.37
N ASN C 82 25.95 -3.23 16.05
CA ASN C 82 24.83 -4.08 15.63
C ASN C 82 23.46 -3.39 15.69
N VAL C 83 23.38 -2.12 15.98
CA VAL C 83 22.16 -1.30 15.89
C VAL C 83 22.54 0.03 15.29
N LEU C 84 21.82 0.46 14.23
CA LEU C 84 22.00 1.77 13.64
C LEU C 84 20.62 2.41 13.54
N VAL C 85 20.48 3.59 14.13
CA VAL C 85 19.23 4.37 14.04
C VAL C 85 19.51 5.62 13.25
N ASN C 86 19.03 5.61 11.99
CA ASN C 86 19.15 6.79 11.12
C ASN C 86 18.00 7.72 11.43
N ASN C 87 18.23 8.59 12.42
CA ASN C 87 17.21 9.50 12.95
C ASN C 87 17.50 10.92 12.55
N ALA C 88 18.71 11.31 12.21
CA ALA C 88 18.96 12.69 11.81
C ALA C 88 18.06 13.06 10.65
N GLY C 89 17.53 14.25 10.67
CA GLY C 89 16.64 14.77 9.62
C GLY C 89 16.27 16.20 10.00
N ILE C 90 15.64 16.84 9.05
CA ILE C 90 15.13 18.17 9.20
C ILE C 90 13.73 18.24 8.56
N LEU C 91 12.92 19.12 9.13
CA LEU C 91 11.59 19.39 8.71
C LEU C 91 11.58 20.80 8.18
N LEU C 92 11.33 21.03 6.91
CA LEU C 92 11.15 22.33 6.32
C LEU C 92 9.82 22.33 5.57
N PRO C 93 9.07 23.40 5.60
CA PRO C 93 7.80 23.44 4.91
C PRO C 93 7.93 23.91 3.48
N GLY C 94 6.86 23.66 2.74
CA GLY C 94 6.74 24.19 1.37
C GLY C 94 5.66 23.34 0.66
N ASP C 95 4.67 23.97 0.11
CA ASP C 95 3.67 23.26 -0.68
C ASP C 95 4.14 23.16 -2.13
N MET C 96 3.35 22.42 -2.93
CA MET C 96 3.76 22.21 -4.33
C MET C 96 3.61 23.51 -5.12
N GLU C 97 2.70 24.41 -4.75
CA GLU C 97 2.49 25.59 -5.58
C GLU C 97 3.57 26.63 -5.36
N THR C 98 4.02 26.82 -4.10
CA THR C 98 4.96 27.91 -3.84
C THR C 98 6.23 27.50 -3.08
N GLY C 99 6.33 26.21 -2.70
CA GLY C 99 7.51 25.79 -1.94
C GLY C 99 8.77 26.02 -2.76
N ARG C 100 9.87 26.26 -2.05
CA ARG C 100 11.12 26.56 -2.70
C ARG C 100 11.91 25.31 -3.09
N LEU C 101 12.34 25.28 -4.33
CA LEU C 101 13.18 24.18 -4.75
C LEU C 101 14.40 24.03 -3.84
N GLU C 102 15.05 25.12 -3.42
CA GLU C 102 16.25 25.03 -2.60
C GLU C 102 15.94 24.31 -1.30
N ASP C 103 14.76 24.46 -0.74
CA ASP C 103 14.37 23.74 0.49
C ASP C 103 14.18 22.25 0.20
N PHE C 104 13.57 21.92 -0.92
CA PHE C 104 13.49 20.52 -1.32
C PHE C 104 14.86 19.89 -1.49
N SER C 105 15.78 20.59 -2.14
CA SER C 105 17.13 20.03 -2.30
C SER C 105 17.79 19.79 -0.95
N ARG C 106 17.61 20.72 0.00
CA ARG C 106 18.16 20.52 1.33
C ARG C 106 17.55 19.34 2.04
N LEU C 107 16.25 19.18 1.94
CA LEU C 107 15.58 18.01 2.55
C LEU C 107 16.11 16.73 1.99
N LEU C 108 16.28 16.67 0.66
CA LEU C 108 16.83 15.43 0.07
C LEU C 108 18.26 15.15 0.54
N LYS C 109 19.07 16.21 0.63
CA LYS C 109 20.43 16.01 1.05
C LYS C 109 20.52 15.52 2.50
N ILE C 110 19.80 16.11 3.41
CA ILE C 110 19.91 15.81 4.80
C ILE C 110 19.09 14.60 5.18
N ASN C 111 17.88 14.44 4.63
CA ASN C 111 17.01 13.36 5.05
C ASN C 111 17.25 12.05 4.27
N THR C 112 17.55 12.15 2.99
CA THR C 112 17.53 10.99 2.11
C THR C 112 18.93 10.51 1.84
N GLU C 113 19.85 11.41 1.49
CA GLU C 113 21.22 10.99 1.28
C GLU C 113 21.85 10.45 2.56
N SER C 114 21.48 11.01 3.74
CA SER C 114 21.99 10.51 4.99
C SER C 114 21.67 9.04 5.21
N VAL C 115 20.42 8.67 4.88
CA VAL C 115 19.99 7.27 5.06
C VAL C 115 20.70 6.39 4.05
N PHE C 116 20.91 6.85 2.82
CA PHE C 116 21.70 6.07 1.88
C PHE C 116 23.08 5.76 2.43
N ILE C 117 23.80 6.78 2.87
CA ILE C 117 25.14 6.54 3.37
C ILE C 117 25.13 5.65 4.60
N GLY C 118 24.22 5.97 5.52
CA GLY C 118 24.18 5.23 6.77
C GLY C 118 23.87 3.77 6.54
N CYS C 119 22.90 3.48 5.66
CA CYS C 119 22.62 2.07 5.38
C CYS C 119 23.77 1.42 4.65
N GLN C 120 24.40 2.10 3.72
CA GLN C 120 25.54 1.54 2.96
C GLN C 120 26.65 1.14 3.93
N GLN C 121 27.01 2.08 4.84
CA GLN C 121 28.07 1.77 5.76
C GLN C 121 27.66 0.88 6.90
N GLY C 122 26.38 0.92 7.27
CA GLY C 122 25.86 0.01 8.29
C GLY C 122 25.88 -1.42 7.82
N ILE C 123 25.56 -1.65 6.55
CA ILE C 123 25.66 -2.99 6.00
C ILE C 123 27.09 -3.49 6.09
N ALA C 124 28.07 -2.65 5.72
CA ALA C 124 29.47 -3.10 5.83
C ALA C 124 29.85 -3.44 7.25
N ALA C 125 29.40 -2.64 8.21
CA ALA C 125 29.74 -2.87 9.61
C ALA C 125 29.11 -4.14 10.16
N MET C 126 27.89 -4.47 9.71
CA MET C 126 27.10 -5.53 10.31
C MET C 126 27.09 -6.82 9.52
N LYS C 127 27.65 -6.85 8.33
CA LYS C 127 27.39 -8.01 7.46
C LYS C 127 27.98 -9.31 7.99
N GLU C 128 29.06 -9.28 8.74
CA GLU C 128 29.62 -10.54 9.26
C GLU C 128 28.81 -11.18 10.35
N THR C 129 28.28 -10.36 11.27
CA THR C 129 27.64 -10.90 12.47
C THR C 129 26.16 -10.55 12.57
N GLY C 130 25.69 -9.50 11.96
CA GLY C 130 24.29 -9.19 11.94
C GLY C 130 23.94 -7.94 12.73
N GLY C 131 22.66 -7.56 12.58
CA GLY C 131 22.21 -6.40 13.34
C GLY C 131 20.89 -5.90 12.80
N SER C 132 20.57 -4.69 13.22
CA SER C 132 19.31 -4.03 12.91
C SER C 132 19.54 -2.56 12.57
N ILE C 133 19.00 -2.12 11.44
CA ILE C 133 19.08 -0.77 10.96
C ILE C 133 17.64 -0.25 10.95
N ILE C 134 17.47 0.89 11.58
CA ILE C 134 16.16 1.51 11.76
C ILE C 134 16.19 2.89 11.17
N ASN C 135 15.34 3.13 10.15
CA ASN C 135 15.28 4.40 9.45
C ASN C 135 14.06 5.17 9.90
N MET C 136 14.28 6.38 10.41
N MET C 136 14.21 6.40 10.41
CA MET C 136 13.12 7.20 10.79
CA MET C 136 13.09 7.25 10.83
C MET C 136 12.53 7.79 9.50
C MET C 136 12.48 7.95 9.63
N ALA C 137 11.22 7.63 9.42
CA ALA C 137 10.45 8.19 8.31
C ALA C 137 9.37 9.05 8.93
N SER C 138 8.15 8.99 8.38
CA SER C 138 7.05 9.85 8.80
C SER C 138 5.78 9.27 8.27
N VAL C 139 4.67 9.53 8.93
CA VAL C 139 3.35 9.28 8.33
C VAL C 139 3.20 9.94 6.98
N SER C 140 3.90 11.06 6.80
CA SER C 140 3.77 11.83 5.60
C SER C 140 4.42 11.16 4.40
N SER C 141 5.16 10.08 4.59
CA SER C 141 5.69 9.36 3.43
C SER C 141 4.56 8.78 2.59
N TRP C 142 3.43 8.46 3.21
CA TRP C 142 2.28 7.89 2.54
C TRP C 142 1.02 8.79 2.66
N LEU C 143 0.93 9.59 3.67
CA LEU C 143 -0.22 10.45 3.88
C LEU C 143 0.15 11.84 3.44
N PRO C 144 -0.38 12.36 2.32
CA PRO C 144 0.06 13.70 1.90
C PRO C 144 -0.46 14.74 2.86
N ILE C 145 0.40 15.71 3.08
CA ILE C 145 0.21 16.91 3.89
C ILE C 145 0.63 18.08 3.05
N GLU C 146 -0.31 19.02 2.81
N GLU C 146 -0.28 19.00 2.76
CA GLU C 146 -0.11 20.09 1.90
CA GLU C 146 -0.02 20.02 1.74
C GLU C 146 1.19 20.85 2.01
C GLU C 146 1.24 20.81 2.01
N GLN C 147 1.50 21.22 3.25
CA GLN C 147 2.64 22.10 3.49
C GLN C 147 3.96 21.40 3.71
N TYR C 148 4.00 20.09 3.54
CA TYR C 148 5.23 19.34 3.71
C TYR C 148 5.49 18.42 2.52
N ALA C 149 5.26 18.94 1.30
CA ALA C 149 5.42 18.13 0.11
C ALA C 149 6.82 17.52 -0.03
N GLY C 150 7.84 18.36 0.04
CA GLY C 150 9.22 17.89 -0.10
C GLY C 150 9.63 16.95 1.03
N TYR C 151 9.21 17.28 2.24
CA TYR C 151 9.53 16.41 3.37
C TYR C 151 8.93 15.04 3.14
N SER C 152 7.66 14.98 2.73
CA SER C 152 7.02 13.73 2.40
C SER C 152 7.80 12.94 1.37
N ALA C 153 8.23 13.59 0.32
CA ALA C 153 9.00 12.92 -0.70
C ALA C 153 10.31 12.41 -0.18
N SER C 154 11.00 13.16 0.67
CA SER C 154 12.27 12.74 1.25
C SER C 154 12.07 11.47 2.05
N LYS C 155 10.96 11.37 2.77
CA LYS C 155 10.70 10.22 3.61
C LYS C 155 10.15 9.03 2.84
N ALA C 156 9.42 9.24 1.78
CA ALA C 156 9.06 8.14 0.88
C ALA C 156 10.32 7.54 0.28
N ALA C 157 11.30 8.37 -0.09
CA ALA C 157 12.57 7.89 -0.59
C ALA C 157 13.25 7.04 0.48
N VAL C 158 13.23 7.49 1.74
CA VAL C 158 13.81 6.70 2.84
C VAL C 158 13.17 5.34 2.93
N SER C 159 11.84 5.25 2.79
N SER C 159 11.85 5.25 2.78
CA SER C 159 11.24 3.94 2.90
CA SER C 159 11.13 3.98 2.83
C SER C 159 11.63 3.05 1.72
C SER C 159 11.64 3.05 1.73
N ALA C 160 11.85 3.59 0.53
CA ALA C 160 12.34 2.78 -0.57
C ALA C 160 13.76 2.29 -0.33
N LEU C 161 14.62 3.15 0.20
CA LEU C 161 15.96 2.75 0.53
C LEU C 161 15.93 1.61 1.58
N THR C 162 15.00 1.71 2.52
CA THR C 162 14.84 0.66 3.52
C THR C 162 14.58 -0.67 2.88
N ARG C 163 13.63 -0.71 1.94
CA ARG C 163 13.32 -1.98 1.28
C ARG C 163 14.49 -2.49 0.46
N ALA C 164 15.20 -1.61 -0.23
CA ALA C 164 16.37 -2.04 -1.03
C ALA C 164 17.44 -2.65 -0.16
N ALA C 165 17.71 -1.97 0.98
CA ALA C 165 18.72 -2.44 1.91
C ALA C 165 18.32 -3.81 2.49
N ALA C 166 17.05 -3.93 2.91
CA ALA C 166 16.58 -5.17 3.50
C ALA C 166 16.69 -6.32 2.52
N LEU C 167 16.32 -6.07 1.26
CA LEU C 167 16.35 -7.11 0.26
C LEU C 167 17.76 -7.53 -0.08
N SER C 168 18.68 -6.56 -0.22
CA SER C 168 20.10 -6.89 -0.39
C SER C 168 20.61 -7.76 0.75
N CYS C 169 20.28 -7.40 1.96
CA CYS C 169 20.75 -8.18 3.09
C CYS C 169 20.23 -9.61 2.98
N ARG C 170 18.94 -9.77 2.66
CA ARG C 170 18.41 -11.12 2.57
C ARG C 170 19.10 -11.93 1.44
N LYS C 171 19.21 -11.31 0.28
CA LYS C 171 19.78 -12.01 -0.87
C LYS C 171 21.26 -12.35 -0.66
N GLN C 172 21.99 -11.53 0.09
CA GLN C 172 23.40 -11.79 0.35
C GLN C 172 23.65 -12.63 1.58
N GLY C 173 22.62 -13.01 2.31
CA GLY C 173 22.79 -13.82 3.48
C GLY C 173 23.32 -13.10 4.70
N TYR C 174 23.10 -11.80 4.79
CA TYR C 174 23.47 -11.05 5.99
C TYR C 174 22.30 -11.06 6.98
N ALA C 175 22.59 -11.32 8.22
CA ALA C 175 21.57 -11.36 9.27
C ALA C 175 21.29 -9.92 9.77
N ILE C 176 20.92 -9.09 8.82
CA ILE C 176 20.64 -7.68 9.05
C ILE C 176 19.19 -7.41 8.64
N ARG C 177 18.46 -6.80 9.57
CA ARG C 177 17.11 -6.33 9.31
C ARG C 177 17.15 -4.82 9.07
N VAL C 178 16.34 -4.33 8.14
CA VAL C 178 16.25 -2.91 7.88
C VAL C 178 14.76 -2.56 7.82
N ASN C 179 14.31 -1.62 8.63
CA ASN C 179 12.90 -1.26 8.73
C ASN C 179 12.82 0.23 8.95
N SER C 180 11.63 0.79 8.67
CA SER C 180 11.39 2.20 8.86
C SER C 180 10.24 2.40 9.85
N ILE C 181 10.25 3.55 10.54
CA ILE C 181 9.21 3.93 11.50
C ILE C 181 8.56 5.25 11.04
N HIS C 182 7.24 5.30 11.06
CA HIS C 182 6.47 6.38 10.45
C HIS C 182 5.59 7.08 11.48
N PRO C 183 6.13 7.98 12.29
CA PRO C 183 5.33 8.70 13.26
C PRO C 183 4.48 9.82 12.64
N ASP C 184 3.44 10.16 13.40
CA ASP C 184 2.75 11.44 13.13
C ASP C 184 3.54 12.54 13.79
N GLY C 185 2.93 13.50 14.45
CA GLY C 185 3.71 14.58 15.02
C GLY C 185 4.44 14.14 16.27
N ILE C 186 5.57 14.76 16.54
CA ILE C 186 6.35 14.46 17.73
C ILE C 186 6.46 15.70 18.63
N TYR C 187 5.92 15.58 19.84
CA TYR C 187 5.87 16.72 20.77
C TYR C 187 7.21 16.86 21.46
N THR C 188 8.13 17.55 20.82
CA THR C 188 9.45 17.78 21.38
C THR C 188 9.48 19.14 22.03
N PRO C 189 10.54 19.39 22.79
CA PRO C 189 10.68 20.78 23.27
C PRO C 189 10.70 21.81 22.15
N MET C 190 11.30 21.53 20.99
CA MET C 190 11.21 22.50 19.89
C MET C 190 9.79 22.71 19.39
N MET C 191 8.94 21.70 19.28
CA MET C 191 7.58 21.86 18.82
C MET C 191 6.85 22.76 19.81
N GLN C 192 7.07 22.41 21.10
CA GLN C 192 6.40 23.21 22.09
C GLN C 192 6.79 24.66 21.95
N ALA C 193 8.08 24.93 21.78
CA ALA C 193 8.50 26.32 21.69
C ALA C 193 8.04 27.00 20.40
N SER C 194 7.70 26.25 19.36
CA SER C 194 7.19 26.83 18.13
C SER C 194 5.69 27.12 18.14
N LEU C 195 4.99 26.69 19.17
CA LEU C 195 3.54 26.90 19.19
C LEU C 195 3.19 28.37 19.39
N PRO C 196 2.11 28.82 18.75
CA PRO C 196 1.63 30.16 19.01
C PRO C 196 1.33 30.35 20.49
N LYS C 197 1.55 31.53 21.01
CA LYS C 197 1.21 31.86 22.41
C LYS C 197 -0.27 31.63 22.54
N GLY C 198 -0.66 30.97 23.64
CA GLY C 198 -2.05 30.62 23.86
C GLY C 198 -2.40 29.21 23.43
N VAL C 199 -1.48 28.48 22.81
CA VAL C 199 -1.69 27.11 22.42
C VAL C 199 -0.89 26.25 23.40
N SER C 200 -1.59 25.38 24.16
CA SER C 200 -0.93 24.56 25.13
C SER C 200 -0.68 23.12 24.69
N LYS C 201 0.09 22.36 25.45
CA LYS C 201 0.38 20.97 25.12
C LYS C 201 -0.89 20.16 24.96
N GLU C 202 -1.85 20.35 25.85
CA GLU C 202 -3.07 19.55 25.77
C GLU C 202 -3.87 19.87 24.52
N MET C 203 -3.66 21.00 23.90
CA MET C 203 -4.31 21.36 22.68
C MET C 203 -3.71 20.69 21.48
N VAL C 204 -2.53 20.14 21.60
CA VAL C 204 -1.87 19.52 20.42
C VAL C 204 -1.62 18.02 20.59
N LEU C 205 -1.40 17.52 21.78
CA LEU C 205 -1.19 16.07 21.90
C LEU C 205 -2.50 15.34 21.71
N HIS C 206 -2.45 14.20 21.01
CA HIS C 206 -3.59 13.30 21.03
C HIS C 206 -3.94 12.86 22.45
N ASP C 207 -5.21 12.83 22.80
CA ASP C 207 -5.68 12.28 24.05
C ASP C 207 -7.10 11.78 23.81
N PRO C 208 -7.45 10.56 24.20
CA PRO C 208 -8.79 10.02 23.90
C PRO C 208 -9.95 10.76 24.58
N LYS C 209 -9.64 11.40 25.70
CA LYS C 209 -10.67 12.17 26.42
C LYS C 209 -10.67 13.63 26.04
N LEU C 210 -9.52 14.26 25.86
CA LEU C 210 -9.39 15.67 25.65
C LEU C 210 -9.12 16.14 24.22
N ASN C 211 -8.60 15.31 23.35
CA ASN C 211 -8.22 15.77 22.04
C ASN C 211 -8.09 14.61 21.07
N ARG C 212 -9.20 14.06 20.65
CA ARG C 212 -9.18 12.88 19.79
C ARG C 212 -8.59 13.17 18.42
N ALA C 213 -8.66 14.41 17.95
CA ALA C 213 -8.09 14.78 16.67
C ALA C 213 -6.63 15.20 16.74
N GLY C 214 -6.04 15.17 17.94
CA GLY C 214 -4.66 15.58 18.05
C GLY C 214 -3.68 14.75 17.22
N ARG C 215 -2.64 15.38 16.76
CA ARG C 215 -1.71 14.85 15.81
C ARG C 215 -0.34 14.58 16.44
N ALA C 216 -0.10 14.97 17.71
CA ALA C 216 1.25 14.91 18.28
C ALA C 216 1.31 13.93 19.45
N TYR C 217 2.49 13.31 19.58
CA TYR C 217 2.78 12.21 20.48
C TYR C 217 4.09 12.47 21.20
N MET C 218 4.21 12.02 22.42
CA MET C 218 5.50 12.17 23.14
C MET C 218 6.60 11.33 22.47
N PRO C 219 7.80 11.91 22.39
CA PRO C 219 8.93 11.22 21.73
C PRO C 219 9.22 9.84 22.32
N GLU C 220 9.05 9.67 23.61
CA GLU C 220 9.37 8.38 24.20
C GLU C 220 8.46 7.30 23.61
N ARG C 221 7.24 7.64 23.21
N ARG C 221 7.25 7.62 23.19
CA ARG C 221 6.33 6.66 22.63
CA ARG C 221 6.37 6.59 22.65
C ARG C 221 6.92 6.11 21.33
C ARG C 221 6.79 6.15 21.25
N ILE C 222 7.53 6.98 20.52
CA ILE C 222 8.15 6.58 19.26
C ILE C 222 9.40 5.79 19.58
N ALA C 223 10.17 6.26 20.55
CA ALA C 223 11.42 5.57 20.94
C ALA C 223 11.16 4.12 21.30
N GLN C 224 10.03 3.80 21.87
CA GLN C 224 9.72 2.41 22.22
C GLN C 224 9.72 1.52 20.97
N LEU C 225 9.27 2.03 19.83
CA LEU C 225 9.28 1.24 18.59
C LEU C 225 10.72 1.00 18.13
N VAL C 226 11.57 2.01 18.27
CA VAL C 226 12.98 1.84 17.95
C VAL C 226 13.60 0.75 18.84
N LEU C 227 13.29 0.78 20.13
CA LEU C 227 13.83 -0.20 21.04
C LEU C 227 13.38 -1.59 20.61
N PHE C 228 12.13 -1.78 20.24
CA PHE C 228 11.65 -3.04 19.78
C PHE C 228 12.44 -3.51 18.54
N LEU C 229 12.62 -2.66 17.59
CA LEU C 229 13.37 -3.05 16.37
C LEU C 229 14.83 -3.31 16.66
N ALA C 230 15.43 -2.63 17.62
CA ALA C 230 16.81 -2.87 17.99
C ALA C 230 16.96 -4.21 18.67
N SER C 231 15.95 -4.71 19.34
CA SER C 231 16.02 -5.93 20.13
C SER C 231 15.92 -7.13 19.21
N ASP C 232 16.52 -8.24 19.67
CA ASP C 232 16.46 -9.47 18.95
C ASP C 232 15.05 -9.99 18.75
N GLU C 233 14.13 -9.61 19.60
CA GLU C 233 12.79 -10.17 19.61
C GLU C 233 12.02 -9.73 18.36
N SER C 234 12.46 -8.70 17.66
CA SER C 234 11.77 -8.26 16.43
C SER C 234 12.37 -8.85 15.16
N SER C 235 13.26 -9.84 15.27
CA SER C 235 14.11 -10.15 14.13
C SER C 235 13.38 -10.67 12.89
N VAL C 236 12.15 -11.19 13.00
CA VAL C 236 11.47 -11.64 11.78
C VAL C 236 11.06 -10.49 10.90
N MET C 237 11.07 -9.24 11.39
N MET C 237 11.03 -9.25 11.40
CA MET C 237 10.64 -8.07 10.65
CA MET C 237 10.55 -8.15 10.56
C MET C 237 11.79 -7.47 9.84
C MET C 237 11.76 -7.56 9.83
N SER C 238 11.65 -7.45 8.50
CA SER C 238 12.63 -6.76 7.68
C SER C 238 11.98 -6.27 6.44
N GLY C 239 12.38 -5.11 5.98
CA GLY C 239 11.85 -4.47 4.83
C GLY C 239 10.49 -3.83 4.99
N SER C 240 10.12 -3.57 6.25
CA SER C 240 8.77 -3.13 6.54
C SER C 240 8.74 -1.71 7.10
N GLU C 241 7.51 -1.17 7.01
CA GLU C 241 7.16 0.05 7.69
C GLU C 241 6.42 -0.25 8.96
N LEU C 242 6.85 0.35 10.07
N LEU C 242 6.80 0.37 10.07
CA LEU C 242 6.09 0.31 11.30
CA LEU C 242 6.20 0.35 11.38
C LEU C 242 5.44 1.68 11.40
C LEU C 242 5.44 1.65 11.60
N HIS C 243 4.13 1.63 11.47
CA HIS C 243 3.37 2.88 11.47
C HIS C 243 3.08 3.27 12.90
N ALA C 244 3.27 4.53 13.21
CA ALA C 244 3.17 5.08 14.55
C ALA C 244 2.29 6.29 14.52
N ASP C 245 1.09 6.12 14.03
CA ASP C 245 0.17 7.23 13.78
C ASP C 245 -1.16 7.08 14.47
N ASN C 246 -1.35 6.06 15.30
CA ASN C 246 -2.56 5.94 16.11
C ASN C 246 -3.84 6.10 15.30
N SER C 247 -3.96 5.36 14.21
CA SER C 247 -5.18 5.32 13.43
C SER C 247 -5.59 6.67 12.86
N ILE C 248 -4.64 7.46 12.32
CA ILE C 248 -5.04 8.72 11.68
C ILE C 248 -5.84 8.49 10.43
N LEU C 249 -5.60 7.39 9.74
CA LEU C 249 -6.27 7.17 8.48
C LEU C 249 -7.75 7.01 8.65
N GLY C 250 -8.53 7.84 7.99
CA GLY C 250 -9.96 7.86 8.13
C GLY C 250 -10.46 8.95 9.05
N MET C 251 -9.60 9.55 9.82
CA MET C 251 -9.98 10.69 10.66
C MET C 251 -10.27 11.92 9.78
N GLY C 252 -11.13 12.82 10.27
CA GLY C 252 -11.37 14.05 9.62
C GLY C 252 -12.41 14.01 8.52
N LEU C 253 -12.90 12.81 8.23
CA LEU C 253 -13.83 12.56 7.15
C LEU C 253 -15.19 12.16 7.71
N THR D 1 -19.71 4.37 -32.14
CA THR D 1 -18.55 3.90 -32.87
C THR D 1 -18.57 2.37 -32.93
N ASN D 2 -17.63 1.84 -33.71
CA ASN D 2 -17.30 0.43 -33.78
C ASN D 2 -16.00 0.08 -33.08
N ARG D 3 -15.38 0.96 -32.31
CA ARG D 3 -14.13 0.71 -31.58
C ARG D 3 -14.08 -0.60 -30.79
N LEU D 4 -15.14 -1.05 -30.14
CA LEU D 4 -15.13 -2.30 -29.39
C LEU D 4 -16.06 -3.32 -30.01
N GLN D 5 -16.20 -3.26 -31.32
CA GLN D 5 -17.05 -4.13 -32.12
C GLN D 5 -17.04 -5.62 -31.77
N GLY D 6 -15.83 -6.16 -31.55
CA GLY D 6 -15.62 -7.58 -31.32
C GLY D 6 -15.58 -7.99 -29.85
N LYS D 7 -15.94 -7.03 -29.03
CA LYS D 7 -16.00 -7.33 -27.60
C LYS D 7 -17.38 -7.87 -27.28
N VAL D 8 -17.40 -8.84 -26.40
CA VAL D 8 -18.62 -9.48 -25.89
C VAL D 8 -18.50 -9.46 -24.36
N ALA D 9 -19.40 -8.74 -23.74
CA ALA D 9 -19.25 -8.41 -22.32
C ALA D 9 -20.45 -8.95 -21.54
N LEU D 10 -20.20 -9.29 -20.31
CA LEU D 10 -21.22 -9.52 -19.31
C LEU D 10 -20.97 -8.57 -18.12
N VAL D 11 -21.99 -7.80 -17.75
CA VAL D 11 -21.95 -6.81 -16.69
C VAL D 11 -23.00 -7.19 -15.64
N THR D 12 -22.55 -7.66 -14.49
CA THR D 12 -23.49 -8.05 -13.46
C THR D 12 -23.92 -6.80 -12.70
N GLY D 13 -25.08 -6.83 -12.08
CA GLY D 13 -25.72 -5.67 -11.54
C GLY D 13 -25.83 -4.52 -12.52
N GLY D 14 -26.18 -4.83 -13.77
CA GLY D 14 -26.11 -3.93 -14.88
C GLY D 14 -27.35 -3.11 -15.17
N ALA D 15 -28.38 -3.23 -14.38
CA ALA D 15 -29.60 -2.54 -14.73
C ALA D 15 -29.74 -1.21 -14.04
N SER D 16 -28.75 -0.81 -13.24
CA SER D 16 -28.79 0.52 -12.62
C SER D 16 -27.39 1.00 -12.24
N GLY D 17 -27.26 2.26 -11.84
CA GLY D 17 -26.01 2.78 -11.34
C GLY D 17 -24.81 2.70 -12.25
N VAL D 18 -23.62 2.44 -11.72
CA VAL D 18 -22.43 2.29 -12.49
C VAL D 18 -22.63 1.18 -13.52
N GLY D 19 -23.25 0.06 -13.13
CA GLY D 19 -23.43 -1.03 -14.06
C GLY D 19 -24.14 -0.62 -15.33
N LEU D 20 -25.23 0.10 -15.20
CA LEU D 20 -25.96 0.59 -16.35
C LEU D 20 -25.14 1.56 -17.17
N GLU D 21 -24.40 2.43 -16.51
CA GLU D 21 -23.55 3.34 -17.31
C GLU D 21 -22.50 2.56 -18.08
N VAL D 22 -21.91 1.49 -17.50
CA VAL D 22 -20.93 0.63 -18.17
C VAL D 22 -21.58 0.03 -19.43
N VAL D 23 -22.80 -0.50 -19.23
CA VAL D 23 -23.52 -1.13 -20.34
C VAL D 23 -23.68 -0.13 -21.48
N LYS D 24 -24.15 1.07 -21.13
CA LYS D 24 -24.33 2.10 -22.16
C LYS D 24 -23.01 2.45 -22.85
N LEU D 25 -21.91 2.60 -22.08
CA LEU D 25 -20.67 3.00 -22.74
C LEU D 25 -20.14 1.92 -23.66
N LEU D 26 -20.23 0.66 -23.22
CA LEU D 26 -19.77 -0.48 -24.03
C LEU D 26 -20.57 -0.59 -25.33
N LEU D 27 -21.91 -0.47 -25.18
CA LEU D 27 -22.77 -0.51 -26.35
C LEU D 27 -22.43 0.63 -27.30
N GLY D 28 -22.14 1.81 -26.72
CA GLY D 28 -21.81 2.98 -27.51
C GLY D 28 -20.53 2.83 -28.32
N GLU D 29 -19.60 1.95 -27.94
CA GLU D 29 -18.40 1.61 -28.68
C GLU D 29 -18.53 0.36 -29.54
N GLY D 30 -19.76 -0.14 -29.62
CA GLY D 30 -20.07 -1.21 -30.55
C GLY D 30 -19.99 -2.60 -30.03
N ALA D 31 -19.78 -2.73 -28.70
CA ALA D 31 -19.71 -4.07 -28.17
C ALA D 31 -21.08 -4.74 -28.08
N LYS D 32 -21.06 -6.05 -27.88
CA LYS D 32 -22.27 -6.79 -27.52
C LYS D 32 -22.22 -6.93 -26.01
N VAL D 33 -23.34 -6.65 -25.37
CA VAL D 33 -23.34 -6.57 -23.91
C VAL D 33 -24.57 -7.27 -23.29
N ALA D 34 -24.24 -8.32 -22.57
CA ALA D 34 -25.21 -8.91 -21.68
C ALA D 34 -25.09 -8.23 -20.33
N PHE D 35 -26.25 -8.00 -19.71
CA PHE D 35 -26.27 -7.41 -18.36
C PHE D 35 -27.22 -8.23 -17.52
N SER D 36 -26.80 -8.46 -16.29
CA SER D 36 -27.63 -9.29 -15.42
C SER D 36 -28.05 -8.50 -14.21
N ASP D 37 -29.20 -8.89 -13.65
CA ASP D 37 -29.67 -8.24 -12.45
C ASP D 37 -30.82 -9.07 -11.91
N ILE D 38 -31.47 -8.60 -10.88
CA ILE D 38 -32.51 -9.33 -10.15
C ILE D 38 -33.95 -9.00 -10.53
N ASN D 39 -34.28 -7.92 -11.25
CA ASN D 39 -35.71 -7.62 -11.51
C ASN D 39 -35.95 -7.91 -12.98
N GLU D 40 -36.63 -9.02 -13.29
CA GLU D 40 -36.76 -9.45 -14.68
C GLU D 40 -37.56 -8.53 -15.56
N ALA D 41 -38.70 -8.06 -15.09
CA ALA D 41 -39.51 -7.25 -16.02
C ALA D 41 -38.80 -5.96 -16.38
N ALA D 42 -38.18 -5.32 -15.38
CA ALA D 42 -37.48 -4.07 -15.57
C ALA D 42 -36.27 -4.28 -16.48
N GLY D 43 -35.57 -5.40 -16.26
CA GLY D 43 -34.36 -5.64 -17.02
C GLY D 43 -34.70 -5.90 -18.48
N GLN D 44 -35.82 -6.60 -18.71
CA GLN D 44 -36.21 -6.86 -20.11
C GLN D 44 -36.63 -5.60 -20.85
N GLN D 45 -37.31 -4.71 -20.12
CA GLN D 45 -37.71 -3.45 -20.70
C GLN D 45 -36.47 -2.61 -21.02
N LEU D 46 -35.47 -2.67 -20.16
CA LEU D 46 -34.22 -2.00 -20.45
C LEU D 46 -33.57 -2.57 -21.71
N ALA D 47 -33.50 -3.90 -21.81
CA ALA D 47 -32.91 -4.50 -23.00
C ALA D 47 -33.66 -4.09 -24.25
N ALA D 48 -34.98 -3.99 -24.17
CA ALA D 48 -35.69 -3.53 -25.36
C ALA D 48 -35.24 -2.15 -25.78
N GLU D 49 -35.04 -1.29 -24.79
CA GLU D 49 -34.59 0.08 -25.04
C GLU D 49 -33.18 0.14 -25.59
N LEU D 50 -32.33 -0.72 -25.04
CA LEU D 50 -30.95 -0.67 -25.48
C LEU D 50 -30.75 -1.34 -26.83
N GLY D 51 -31.61 -2.28 -27.18
CA GLY D 51 -31.55 -2.89 -28.50
C GLY D 51 -30.84 -4.23 -28.55
N GLU D 52 -30.72 -4.78 -29.71
CA GLU D 52 -30.31 -6.06 -30.19
C GLU D 52 -28.92 -6.50 -29.75
N ARG D 53 -28.03 -5.53 -29.54
CA ARG D 53 -26.67 -5.89 -29.14
C ARG D 53 -26.57 -6.03 -27.62
N SER D 54 -27.69 -5.81 -26.96
CA SER D 54 -27.76 -5.99 -25.50
C SER D 54 -28.63 -7.21 -25.26
N MET D 55 -28.43 -7.79 -24.10
CA MET D 55 -29.25 -8.89 -23.63
C MET D 55 -29.37 -8.84 -22.11
N PHE D 56 -30.56 -8.93 -21.60
CA PHE D 56 -30.81 -9.03 -20.19
C PHE D 56 -30.95 -10.51 -19.80
N VAL D 57 -30.33 -10.86 -18.68
N VAL D 57 -30.32 -10.85 -18.68
CA VAL D 57 -30.50 -12.19 -18.09
CA VAL D 57 -30.54 -12.14 -18.06
C VAL D 57 -30.70 -12.06 -16.58
C VAL D 57 -30.75 -11.97 -16.56
N ARG D 58 -31.72 -12.71 -16.02
CA ARG D 58 -31.88 -12.74 -14.57
C ARG D 58 -30.79 -13.59 -13.94
N HIS D 59 -30.21 -13.16 -12.81
CA HIS D 59 -28.99 -13.80 -12.32
C HIS D 59 -28.84 -13.62 -10.81
N ASP D 60 -28.76 -14.75 -10.12
CA ASP D 60 -28.37 -14.83 -8.70
C ASP D 60 -26.86 -14.99 -8.68
N VAL D 61 -26.15 -13.91 -8.42
CA VAL D 61 -24.68 -13.92 -8.56
C VAL D 61 -24.01 -14.76 -7.49
N SER D 62 -24.79 -15.26 -6.52
CA SER D 62 -24.14 -16.07 -5.46
C SER D 62 -24.28 -17.55 -5.77
N SER D 63 -24.84 -17.91 -6.95
CA SER D 63 -25.04 -19.31 -7.37
C SER D 63 -24.25 -19.80 -8.55
N GLU D 64 -23.43 -20.85 -8.38
CA GLU D 64 -22.65 -21.38 -9.50
C GLU D 64 -23.49 -21.93 -10.62
N ALA D 65 -24.64 -22.60 -10.29
CA ALA D 65 -25.51 -23.21 -11.29
C ALA D 65 -26.04 -22.12 -12.21
N ASP D 66 -26.50 -21.01 -11.71
CA ASP D 66 -27.06 -19.83 -12.30
C ASP D 66 -25.97 -19.19 -13.13
N TRP D 67 -24.75 -18.96 -12.59
CA TRP D 67 -23.68 -18.54 -13.46
C TRP D 67 -23.38 -19.42 -14.65
N THR D 68 -23.34 -20.76 -14.47
CA THR D 68 -23.07 -21.68 -15.60
C THR D 68 -24.08 -21.42 -16.68
N LEU D 69 -25.33 -21.29 -16.25
CA LEU D 69 -26.40 -21.09 -17.27
C LEU D 69 -26.30 -19.74 -18.01
N VAL D 70 -25.99 -18.70 -17.24
CA VAL D 70 -25.84 -17.33 -17.75
C VAL D 70 -24.69 -17.31 -18.75
N MET D 71 -23.55 -17.86 -18.30
CA MET D 71 -22.43 -17.84 -19.25
C MET D 71 -22.77 -18.54 -20.55
N ALA D 72 -23.46 -19.69 -20.53
CA ALA D 72 -23.79 -20.44 -21.73
C ALA D 72 -24.78 -19.68 -22.60
N ALA D 73 -25.75 -19.09 -21.91
CA ALA D 73 -26.79 -18.38 -22.62
C ALA D 73 -26.23 -17.17 -23.36
N VAL D 74 -25.35 -16.49 -22.61
CA VAL D 74 -24.88 -15.20 -23.08
C VAL D 74 -24.08 -15.49 -24.33
N GLN D 75 -23.28 -16.56 -24.13
CA GLN D 75 -22.35 -16.87 -25.22
C GLN D 75 -23.07 -17.51 -26.41
N ARG D 76 -24.13 -18.26 -26.15
CA ARG D 76 -24.98 -18.81 -27.21
C ARG D 76 -25.62 -17.68 -28.02
N ARG D 77 -25.95 -16.58 -27.36
CA ARG D 77 -26.66 -15.49 -28.05
C ARG D 77 -25.68 -14.48 -28.62
N LEU D 78 -24.63 -14.16 -27.87
CA LEU D 78 -23.73 -13.07 -28.28
C LEU D 78 -22.35 -13.48 -28.71
N GLY D 79 -21.92 -14.70 -28.49
CA GLY D 79 -20.61 -15.12 -28.92
C GLY D 79 -19.65 -15.26 -27.74
N THR D 80 -18.39 -15.56 -28.06
CA THR D 80 -17.39 -15.81 -27.03
C THR D 80 -17.13 -14.56 -26.19
N LEU D 81 -17.34 -14.72 -24.90
CA LEU D 81 -17.12 -13.64 -23.95
C LEU D 81 -15.64 -13.30 -23.84
N ASN D 82 -15.36 -12.00 -23.85
CA ASN D 82 -13.99 -11.53 -23.64
C ASN D 82 -13.93 -10.37 -22.66
N VAL D 83 -15.01 -9.95 -22.03
CA VAL D 83 -15.06 -8.91 -21.01
C VAL D 83 -16.07 -9.32 -19.92
N LEU D 84 -15.61 -9.39 -18.69
CA LEU D 84 -16.51 -9.68 -17.57
C LEU D 84 -16.35 -8.55 -16.55
N VAL D 85 -17.45 -7.93 -16.21
CA VAL D 85 -17.54 -6.85 -15.22
C VAL D 85 -18.32 -7.31 -13.99
N ASN D 86 -17.59 -7.63 -12.93
CA ASN D 86 -18.23 -8.09 -11.70
C ASN D 86 -18.60 -6.86 -10.90
N ASN D 87 -19.81 -6.37 -11.12
CA ASN D 87 -20.29 -5.13 -10.54
C ASN D 87 -21.37 -5.30 -9.50
N ALA D 88 -22.05 -6.45 -9.54
CA ALA D 88 -23.07 -6.70 -8.54
C ALA D 88 -22.53 -6.64 -7.12
N GLY D 89 -23.34 -6.01 -6.27
CA GLY D 89 -22.91 -5.87 -4.90
C GLY D 89 -24.03 -5.15 -4.15
N ILE D 90 -23.89 -5.15 -2.83
CA ILE D 90 -24.81 -4.43 -1.99
C ILE D 90 -24.05 -3.59 -0.97
N LEU D 91 -24.62 -2.48 -0.57
CA LEU D 91 -24.08 -1.60 0.47
C LEU D 91 -25.00 -1.66 1.68
N LEU D 92 -24.57 -2.20 2.79
CA LEU D 92 -25.27 -2.28 4.06
C LEU D 92 -24.41 -1.61 5.14
N PRO D 93 -24.95 -0.84 6.03
CA PRO D 93 -24.18 -0.18 7.07
C PRO D 93 -24.00 -1.11 8.28
N GLY D 94 -22.98 -0.79 9.04
CA GLY D 94 -22.81 -1.31 10.39
C GLY D 94 -21.40 -1.02 10.86
N ASP D 95 -21.25 -0.49 12.07
CA ASP D 95 -19.92 -0.22 12.59
C ASP D 95 -19.42 -1.40 13.40
N MET D 96 -18.19 -1.38 13.84
CA MET D 96 -17.63 -2.53 14.54
C MET D 96 -18.28 -2.70 15.89
N GLU D 97 -18.70 -1.62 16.54
CA GLU D 97 -19.22 -1.76 17.90
C GLU D 97 -20.63 -2.32 17.92
N THR D 98 -21.48 -1.96 16.95
CA THR D 98 -22.89 -2.29 16.95
C THR D 98 -23.41 -2.89 15.67
N GLY D 99 -22.59 -3.07 14.65
CA GLY D 99 -23.11 -3.67 13.42
C GLY D 99 -23.46 -5.13 13.63
N ARG D 100 -24.42 -5.56 12.78
CA ARG D 100 -24.95 -6.89 12.95
C ARG D 100 -24.12 -7.90 12.15
N LEU D 101 -23.75 -8.95 12.84
CA LEU D 101 -23.06 -10.05 12.15
C LEU D 101 -23.85 -10.54 10.94
N GLU D 102 -25.19 -10.61 11.05
CA GLU D 102 -25.96 -11.16 9.94
C GLU D 102 -25.83 -10.31 8.69
N ASP D 103 -25.65 -9.02 8.90
CA ASP D 103 -25.41 -8.09 7.80
C ASP D 103 -24.02 -8.32 7.20
N PHE D 104 -23.02 -8.54 8.07
CA PHE D 104 -21.67 -8.82 7.54
C PHE D 104 -21.68 -10.09 6.71
N SER D 105 -22.35 -11.14 7.22
CA SER D 105 -22.47 -12.39 6.49
C SER D 105 -23.10 -12.22 5.10
N ARG D 106 -24.16 -11.43 5.05
CA ARG D 106 -24.80 -11.12 3.79
C ARG D 106 -23.87 -10.35 2.85
N LEU D 107 -23.11 -9.39 3.40
CA LEU D 107 -22.13 -8.66 2.56
C LEU D 107 -21.09 -9.56 1.97
N LEU D 108 -20.56 -10.48 2.79
CA LEU D 108 -19.59 -11.40 2.24
C LEU D 108 -20.16 -12.29 1.16
N LYS D 109 -21.40 -12.77 1.39
CA LYS D 109 -22.01 -13.66 0.38
C LYS D 109 -22.20 -13.00 -0.97
N ILE D 110 -22.81 -11.83 -0.90
CA ILE D 110 -23.21 -11.11 -2.08
C ILE D 110 -22.07 -10.35 -2.75
N ASN D 111 -21.16 -9.77 -1.95
CA ASN D 111 -20.10 -8.99 -2.55
C ASN D 111 -18.84 -9.75 -2.88
N THR D 112 -18.52 -10.73 -2.03
CA THR D 112 -17.22 -11.36 -2.13
C THR D 112 -17.31 -12.73 -2.81
N GLU D 113 -18.27 -13.55 -2.41
CA GLU D 113 -18.46 -14.87 -3.05
C GLU D 113 -18.86 -14.69 -4.50
N SER D 114 -19.61 -13.65 -4.86
CA SER D 114 -19.98 -13.40 -6.24
C SER D 114 -18.78 -13.16 -7.14
N VAL D 115 -17.81 -12.39 -6.61
CA VAL D 115 -16.58 -12.19 -7.39
C VAL D 115 -15.78 -13.48 -7.53
N PHE D 116 -15.74 -14.27 -6.47
CA PHE D 116 -15.03 -15.57 -6.59
C PHE D 116 -15.60 -16.41 -7.72
N ILE D 117 -16.94 -16.54 -7.68
CA ILE D 117 -17.59 -17.35 -8.74
C ILE D 117 -17.39 -16.77 -10.13
N GLY D 118 -17.58 -15.44 -10.23
CA GLY D 118 -17.42 -14.76 -11.51
C GLY D 118 -16.04 -14.91 -12.10
N CYS D 119 -15.04 -14.73 -11.20
CA CYS D 119 -13.68 -14.91 -11.68
C CYS D 119 -13.41 -16.33 -12.18
N GLN D 120 -13.91 -17.35 -11.41
CA GLN D 120 -13.72 -18.74 -11.82
C GLN D 120 -14.33 -18.99 -13.17
N GLN D 121 -15.55 -18.52 -13.30
CA GLN D 121 -16.29 -18.68 -14.56
C GLN D 121 -15.70 -17.94 -15.73
N GLY D 122 -15.20 -16.75 -15.41
CA GLY D 122 -14.53 -15.95 -16.43
C GLY D 122 -13.21 -16.52 -16.93
N ILE D 123 -12.40 -17.07 -16.03
CA ILE D 123 -11.19 -17.76 -16.41
C ILE D 123 -11.54 -18.91 -17.35
N ALA D 124 -12.58 -19.69 -16.97
CA ALA D 124 -13.02 -20.82 -17.81
C ALA D 124 -13.40 -20.37 -19.19
N ALA D 125 -14.10 -19.25 -19.24
CA ALA D 125 -14.55 -18.73 -20.54
C ALA D 125 -13.44 -18.17 -21.39
N MET D 126 -12.43 -17.58 -20.81
CA MET D 126 -11.41 -16.80 -21.50
C MET D 126 -10.03 -17.41 -21.57
N LYS D 127 -9.75 -18.55 -20.92
CA LYS D 127 -8.37 -19.03 -20.83
C LYS D 127 -7.78 -19.31 -22.20
N GLU D 128 -8.58 -19.73 -23.19
CA GLU D 128 -7.96 -20.03 -24.50
C GLU D 128 -7.95 -18.79 -25.38
N THR D 129 -9.02 -18.00 -25.36
CA THR D 129 -9.20 -16.88 -26.30
C THR D 129 -8.84 -15.53 -25.74
N GLY D 130 -8.78 -15.34 -24.42
CA GLY D 130 -8.26 -14.16 -23.77
C GLY D 130 -9.33 -13.14 -23.42
N GLY D 131 -8.98 -12.17 -22.59
CA GLY D 131 -9.93 -11.16 -22.21
C GLY D 131 -9.61 -10.35 -20.98
N SER D 132 -10.59 -9.63 -20.47
N SER D 132 -10.67 -9.73 -20.43
CA SER D 132 -10.43 -8.73 -19.32
CA SER D 132 -10.59 -8.80 -19.30
C SER D 132 -11.51 -9.14 -18.31
C SER D 132 -11.69 -8.85 -18.24
N ILE D 133 -11.17 -9.11 -17.03
CA ILE D 133 -12.08 -9.26 -15.92
C ILE D 133 -11.87 -8.06 -15.06
N ILE D 134 -12.95 -7.35 -14.75
CA ILE D 134 -12.98 -6.09 -14.02
C ILE D 134 -13.88 -6.20 -12.80
N ASN D 135 -13.27 -6.05 -11.59
CA ASN D 135 -13.99 -6.26 -10.34
C ASN D 135 -14.24 -4.92 -9.66
N MET D 136 -15.51 -4.63 -9.40
N MET D 136 -15.50 -4.61 -9.35
CA MET D 136 -15.80 -3.39 -8.71
CA MET D 136 -15.89 -3.38 -8.68
C MET D 136 -15.49 -3.57 -7.23
C MET D 136 -15.68 -3.44 -7.17
N ALA D 137 -14.75 -2.60 -6.69
CA ALA D 137 -14.43 -2.54 -5.29
C ALA D 137 -14.89 -1.20 -4.76
N SER D 138 -14.11 -0.53 -3.94
CA SER D 138 -14.49 0.71 -3.32
C SER D 138 -13.27 1.35 -2.70
N VAL D 139 -13.26 2.69 -2.57
CA VAL D 139 -12.25 3.36 -1.75
C VAL D 139 -12.15 2.76 -0.37
N SER D 140 -13.28 2.25 0.14
CA SER D 140 -13.34 1.77 1.50
C SER D 140 -12.58 0.46 1.66
N SER D 141 -12.14 -0.18 0.59
CA SER D 141 -11.30 -1.37 0.77
C SER D 141 -10.01 -1.03 1.51
N TRP D 142 -9.51 0.20 1.34
CA TRP D 142 -8.29 0.64 1.96
C TRP D 142 -8.49 1.84 2.92
N LEU D 143 -9.54 2.61 2.73
CA LEU D 143 -9.80 3.79 3.56
C LEU D 143 -10.90 3.44 4.55
N PRO D 144 -10.63 3.32 5.83
CA PRO D 144 -11.70 2.91 6.74
C PRO D 144 -12.74 4.03 6.87
N ILE D 145 -13.97 3.56 6.91
CA ILE D 145 -15.17 4.38 7.10
C ILE D 145 -16.00 3.70 8.17
C ILE D 145 -15.93 3.65 8.18
N GLU D 146 -16.17 4.38 9.30
N GLU D 146 -16.20 4.34 9.30
CA GLU D 146 -16.67 3.79 10.53
CA GLU D 146 -16.69 3.63 10.47
C GLU D 146 -17.99 3.05 10.38
C GLU D 146 -17.97 2.83 10.18
N GLN D 147 -18.92 3.50 9.54
CA GLN D 147 -20.24 2.88 9.42
C GLN D 147 -20.31 1.84 8.34
N TYR D 148 -19.22 1.57 7.64
CA TYR D 148 -19.24 0.55 6.59
C TYR D 148 -18.14 -0.46 6.80
N ALA D 149 -17.97 -0.91 8.04
CA ALA D 149 -16.86 -1.83 8.36
C ALA D 149 -16.93 -3.12 7.58
N GLY D 150 -18.10 -3.76 7.58
CA GLY D 150 -18.26 -4.99 6.82
C GLY D 150 -18.13 -4.87 5.31
N TYR D 151 -18.70 -3.75 4.76
CA TYR D 151 -18.60 -3.50 3.37
C TYR D 151 -17.14 -3.34 2.96
N SER D 152 -16.38 -2.54 3.74
CA SER D 152 -14.93 -2.42 3.53
C SER D 152 -14.22 -3.77 3.43
N ALA D 153 -14.53 -4.61 4.42
CA ALA D 153 -13.90 -5.94 4.46
C ALA D 153 -14.27 -6.75 3.24
N SER D 154 -15.54 -6.70 2.81
CA SER D 154 -15.97 -7.43 1.65
C SER D 154 -15.20 -7.00 0.39
N LYS D 155 -14.93 -5.69 0.32
CA LYS D 155 -14.27 -5.14 -0.87
C LYS D 155 -12.77 -5.30 -0.83
N ALA D 156 -12.17 -5.29 0.37
CA ALA D 156 -10.77 -5.68 0.52
C ALA D 156 -10.54 -7.13 0.06
N ALA D 157 -11.49 -8.01 0.41
CA ALA D 157 -11.49 -9.37 -0.04
C ALA D 157 -11.58 -9.47 -1.57
N VAL D 158 -12.44 -8.63 -2.19
CA VAL D 158 -12.51 -8.60 -3.63
C VAL D 158 -11.18 -8.24 -4.24
N SER D 159 -10.49 -7.23 -3.67
CA SER D 159 -9.19 -6.84 -4.21
C SER D 159 -8.17 -7.98 -4.12
N ALA D 160 -8.19 -8.76 -3.02
CA ALA D 160 -7.30 -9.91 -2.91
C ALA D 160 -7.62 -11.00 -3.93
N LEU D 161 -8.93 -11.21 -4.20
CA LEU D 161 -9.31 -12.18 -5.24
C LEU D 161 -8.83 -11.76 -6.60
N THR D 162 -8.87 -10.42 -6.84
CA THR D 162 -8.36 -9.84 -8.07
C THR D 162 -6.90 -10.17 -8.29
N ARG D 163 -6.07 -9.95 -7.27
CA ARG D 163 -4.65 -10.26 -7.39
C ARG D 163 -4.42 -11.74 -7.60
N ALA D 164 -5.12 -12.60 -6.88
CA ALA D 164 -4.94 -14.04 -7.05
C ALA D 164 -5.29 -14.51 -8.48
N ALA D 165 -6.43 -13.96 -8.97
CA ALA D 165 -6.82 -14.32 -10.33
C ALA D 165 -5.83 -13.84 -11.37
N ALA D 166 -5.36 -12.62 -11.22
CA ALA D 166 -4.38 -12.05 -12.13
C ALA D 166 -3.10 -12.87 -12.15
N LEU D 167 -2.64 -13.26 -10.92
CA LEU D 167 -1.42 -14.03 -10.82
C LEU D 167 -1.57 -15.43 -11.46
N SER D 168 -2.68 -16.07 -11.16
CA SER D 168 -2.94 -17.36 -11.82
C SER D 168 -2.91 -17.28 -13.33
N CYS D 169 -3.59 -16.23 -13.83
CA CYS D 169 -3.59 -16.06 -15.27
C CYS D 169 -2.20 -15.89 -15.86
N ARG D 170 -1.38 -15.07 -15.20
CA ARG D 170 -0.01 -14.90 -15.66
C ARG D 170 0.80 -16.19 -15.59
N LYS D 171 0.73 -16.86 -14.45
CA LYS D 171 1.49 -18.08 -14.29
C LYS D 171 1.12 -19.24 -15.21
N GLN D 172 -0.16 -19.25 -15.55
CA GLN D 172 -0.70 -20.31 -16.39
C GLN D 172 -0.64 -19.93 -17.86
N GLY D 173 -0.20 -18.73 -18.18
CA GLY D 173 -0.05 -18.32 -19.57
C GLY D 173 -1.42 -18.05 -20.19
N TYR D 174 -2.38 -17.53 -19.45
CA TYR D 174 -3.62 -17.11 -20.06
C TYR D 174 -3.60 -15.61 -20.33
N ALA D 175 -4.07 -15.20 -21.48
CA ALA D 175 -4.02 -13.81 -21.88
C ALA D 175 -5.27 -13.13 -21.33
N ILE D 176 -5.36 -13.15 -20.00
CA ILE D 176 -6.43 -12.57 -19.25
C ILE D 176 -5.93 -11.55 -18.22
N ARG D 177 -6.45 -10.36 -18.22
CA ARG D 177 -6.06 -9.31 -17.29
C ARG D 177 -7.17 -9.20 -16.25
N VAL D 178 -6.86 -9.04 -14.98
CA VAL D 178 -7.83 -8.92 -13.92
C VAL D 178 -7.47 -7.72 -13.04
N ASN D 179 -8.35 -6.75 -12.87
CA ASN D 179 -8.07 -5.55 -12.12
C ASN D 179 -9.31 -5.13 -11.36
N SER D 180 -9.16 -4.29 -10.36
CA SER D 180 -10.24 -3.75 -9.55
C SER D 180 -10.33 -2.23 -9.63
N ILE D 181 -11.52 -1.68 -9.49
CA ILE D 181 -11.76 -0.24 -9.48
C ILE D 181 -12.34 0.15 -8.15
N HIS D 182 -11.83 1.25 -7.58
CA HIS D 182 -12.13 1.67 -6.21
C HIS D 182 -12.70 3.08 -6.17
N PRO D 183 -14.00 3.22 -6.43
CA PRO D 183 -14.63 4.56 -6.36
C PRO D 183 -14.92 4.99 -4.95
N ASP D 184 -15.08 6.31 -4.80
CA ASP D 184 -15.68 6.91 -3.63
C ASP D 184 -17.19 6.79 -3.77
N GLY D 185 -17.98 7.80 -3.39
CA GLY D 185 -19.42 7.66 -3.45
C GLY D 185 -19.92 7.77 -4.88
N ILE D 186 -21.02 7.06 -5.12
N ILE D 186 -21.03 7.08 -5.16
CA ILE D 186 -21.68 7.05 -6.43
CA ILE D 186 -21.57 7.11 -6.53
C ILE D 186 -22.99 7.81 -6.31
C ILE D 186 -22.96 7.71 -6.52
N TYR D 187 -23.12 8.91 -7.04
CA TYR D 187 -24.38 9.62 -7.05
C TYR D 187 -25.40 8.99 -7.99
N THR D 188 -26.42 8.44 -7.38
CA THR D 188 -27.52 7.87 -8.15
C THR D 188 -28.83 8.40 -7.62
N PRO D 189 -29.91 8.15 -8.35
CA PRO D 189 -31.26 8.46 -7.83
C PRO D 189 -31.47 7.78 -6.50
N MET D 190 -30.97 6.57 -6.25
CA MET D 190 -31.27 6.03 -4.90
C MET D 190 -30.55 6.72 -3.75
N MET D 191 -29.31 7.17 -3.90
CA MET D 191 -28.48 7.94 -3.05
C MET D 191 -29.32 9.22 -2.81
N GLN D 192 -29.77 9.87 -3.87
CA GLN D 192 -30.50 11.13 -3.72
C GLN D 192 -31.74 10.91 -2.85
N ALA D 193 -32.52 9.86 -3.15
CA ALA D 193 -33.72 9.60 -2.38
C ALA D 193 -33.39 9.27 -0.94
N SER D 194 -32.20 8.85 -0.59
CA SER D 194 -31.78 8.52 0.77
C SER D 194 -31.27 9.70 1.56
N LEU D 195 -31.11 10.84 0.88
CA LEU D 195 -30.59 12.04 1.57
C LEU D 195 -31.70 12.83 2.27
N PRO D 196 -31.39 13.48 3.41
CA PRO D 196 -32.35 14.27 4.18
C PRO D 196 -32.89 15.47 3.39
N LYS D 197 -33.97 16.01 3.94
CA LYS D 197 -34.58 17.09 3.18
C LYS D 197 -33.56 18.18 2.95
N GLY D 198 -33.62 18.85 1.80
CA GLY D 198 -32.48 19.75 1.78
C GLY D 198 -31.13 19.34 1.30
N VAL D 199 -30.65 18.12 1.47
CA VAL D 199 -29.33 17.85 0.88
C VAL D 199 -29.50 17.55 -0.59
N SER D 200 -28.97 18.41 -1.44
CA SER D 200 -29.11 18.34 -2.91
C SER D 200 -27.94 17.68 -3.63
N LYS D 201 -28.12 17.39 -4.92
CA LYS D 201 -26.99 16.87 -5.70
C LYS D 201 -25.76 17.73 -5.56
N GLU D 202 -25.92 19.05 -5.60
CA GLU D 202 -24.80 19.97 -5.56
C GLU D 202 -24.07 19.92 -4.22
N MET D 203 -24.77 19.53 -3.18
CA MET D 203 -24.17 19.42 -1.85
C MET D 203 -23.46 18.11 -1.59
N VAL D 204 -23.67 17.13 -2.48
CA VAL D 204 -22.92 15.86 -2.26
C VAL D 204 -21.93 15.58 -3.37
N LEU D 205 -22.18 16.06 -4.58
N LEU D 205 -22.18 16.02 -4.59
CA LEU D 205 -21.17 15.85 -5.58
CA LEU D 205 -21.25 15.75 -5.69
C LEU D 205 -19.93 16.67 -5.35
C LEU D 205 -20.01 16.59 -5.53
N HIS D 206 -18.81 16.03 -5.61
CA HIS D 206 -17.59 16.83 -5.67
C HIS D 206 -17.72 17.84 -6.79
N ASP D 207 -17.26 19.05 -6.52
CA ASP D 207 -17.06 20.05 -7.57
C ASP D 207 -15.92 20.95 -7.14
N PRO D 208 -14.96 21.25 -7.98
CA PRO D 208 -13.83 22.05 -7.50
C PRO D 208 -14.20 23.44 -7.08
N LYS D 209 -15.28 23.94 -7.63
CA LYS D 209 -15.68 25.30 -7.30
C LYS D 209 -16.72 25.34 -6.18
N LEU D 210 -17.68 24.45 -6.31
CA LEU D 210 -18.87 24.52 -5.42
C LEU D 210 -18.78 23.60 -4.21
N ASN D 211 -17.94 22.57 -4.25
CA ASN D 211 -18.01 21.55 -3.22
C ASN D 211 -16.75 20.68 -3.16
N ARG D 212 -15.66 21.23 -2.69
CA ARG D 212 -14.36 20.60 -2.70
C ARG D 212 -14.33 19.37 -1.80
N ALA D 213 -15.14 19.37 -0.78
CA ALA D 213 -15.16 18.25 0.17
C ALA D 213 -16.16 17.19 -0.25
N GLY D 214 -16.83 17.33 -1.39
CA GLY D 214 -17.84 16.33 -1.76
C GLY D 214 -17.21 15.00 -2.04
N ARG D 215 -17.97 13.94 -1.71
CA ARG D 215 -17.54 12.56 -1.78
C ARG D 215 -18.23 11.72 -2.85
N ALA D 216 -19.20 12.34 -3.58
CA ALA D 216 -19.93 11.59 -4.58
C ALA D 216 -19.63 12.05 -6.00
N TYR D 217 -19.72 11.12 -6.95
CA TYR D 217 -19.33 11.23 -8.34
C TYR D 217 -20.39 10.61 -9.21
N MET D 218 -20.56 11.16 -10.43
CA MET D 218 -21.50 10.52 -11.36
C MET D 218 -21.03 9.14 -11.79
N PRO D 219 -22.00 8.23 -11.92
CA PRO D 219 -21.64 6.87 -12.31
C PRO D 219 -20.90 6.76 -13.63
N GLU D 220 -21.19 7.64 -14.59
CA GLU D 220 -20.52 7.54 -15.88
C GLU D 220 -19.02 7.75 -15.74
N ARG D 221 -18.61 8.55 -14.74
N ARG D 221 -18.67 8.57 -14.73
CA ARG D 221 -17.19 8.82 -14.55
CA ARG D 221 -17.27 8.86 -14.50
C ARG D 221 -16.41 7.57 -14.17
C ARG D 221 -16.51 7.68 -13.92
N ILE D 222 -17.00 6.74 -13.35
N ILE D 222 -17.21 6.71 -13.34
CA ILE D 222 -16.48 5.44 -12.93
CA ILE D 222 -16.55 5.48 -12.89
C ILE D 222 -16.51 4.49 -14.12
C ILE D 222 -16.59 4.46 -14.04
N ALA D 223 -17.68 4.53 -14.80
CA ALA D 223 -17.86 3.67 -15.98
C ALA D 223 -16.77 3.88 -17.00
N GLN D 224 -16.20 5.11 -17.11
CA GLN D 224 -15.10 5.34 -18.02
C GLN D 224 -13.88 4.47 -17.76
N LEU D 225 -13.62 4.21 -16.43
CA LEU D 225 -12.46 3.39 -16.09
C LEU D 225 -12.67 1.93 -16.49
N VAL D 226 -13.95 1.52 -16.39
CA VAL D 226 -14.33 0.16 -16.83
C VAL D 226 -14.14 0.02 -18.34
N LEU D 227 -14.58 1.07 -19.06
CA LEU D 227 -14.36 1.07 -20.52
C LEU D 227 -12.90 0.95 -20.89
N PHE D 228 -12.04 1.73 -20.22
CA PHE D 228 -10.61 1.64 -20.52
C PHE D 228 -10.10 0.22 -20.31
N LEU D 229 -10.45 -0.37 -19.16
CA LEU D 229 -10.01 -1.74 -18.88
C LEU D 229 -10.60 -2.79 -19.82
N ALA D 230 -11.77 -2.50 -20.36
CA ALA D 230 -12.34 -3.41 -21.36
C ALA D 230 -11.64 -3.35 -22.71
N SER D 231 -10.98 -2.20 -23.00
CA SER D 231 -10.30 -2.01 -24.26
C SER D 231 -8.94 -2.64 -24.33
N ASP D 232 -8.44 -2.94 -25.53
CA ASP D 232 -7.13 -3.53 -25.74
C ASP D 232 -6.02 -2.57 -25.31
N GLU D 233 -6.30 -1.28 -25.31
CA GLU D 233 -5.31 -0.27 -24.97
C GLU D 233 -4.79 -0.36 -23.54
N SER D 234 -5.57 -0.98 -22.68
CA SER D 234 -5.13 -1.13 -21.29
C SER D 234 -4.38 -2.42 -21.02
N SER D 235 -4.00 -3.18 -22.03
CA SER D 235 -3.58 -4.54 -21.82
C SER D 235 -2.40 -4.72 -20.88
N VAL D 236 -1.55 -3.71 -20.64
CA VAL D 236 -0.41 -3.95 -19.74
C VAL D 236 -0.82 -4.05 -18.28
N MET D 237 -2.02 -3.61 -17.97
CA MET D 237 -2.42 -3.63 -16.60
C MET D 237 -3.05 -4.94 -16.16
N SER D 238 -2.55 -5.52 -15.09
CA SER D 238 -3.19 -6.65 -14.45
C SER D 238 -2.76 -6.78 -12.98
N GLY D 239 -3.69 -7.25 -12.16
CA GLY D 239 -3.45 -7.44 -10.74
C GLY D 239 -3.46 -6.14 -9.97
N SER D 240 -4.04 -5.08 -10.51
CA SER D 240 -3.92 -3.76 -9.92
C SER D 240 -5.26 -3.19 -9.47
N GLU D 241 -5.13 -2.17 -8.60
CA GLU D 241 -6.24 -1.36 -8.19
C GLU D 241 -6.22 -0.04 -8.98
N LEU D 242 -7.31 0.32 -9.60
CA LEU D 242 -7.50 1.64 -10.21
C LEU D 242 -8.32 2.44 -9.21
N HIS D 243 -7.70 3.45 -8.62
CA HIS D 243 -8.38 4.27 -7.64
C HIS D 243 -9.12 5.43 -8.28
N ALA D 244 -10.36 5.59 -7.88
CA ALA D 244 -11.29 6.52 -8.47
C ALA D 244 -11.90 7.37 -7.39
N ASP D 245 -11.02 7.97 -6.63
CA ASP D 245 -11.43 8.71 -5.44
C ASP D 245 -11.01 10.19 -5.46
N ASN D 246 -10.39 10.64 -6.54
CA ASN D 246 -10.13 12.09 -6.69
C ASN D 246 -9.41 12.72 -5.50
N SER D 247 -8.29 12.09 -5.12
CA SER D 247 -7.40 12.62 -4.11
C SER D 247 -8.10 12.83 -2.77
N ILE D 248 -8.91 11.88 -2.33
CA ILE D 248 -9.50 11.96 -1.00
C ILE D 248 -8.46 11.85 0.11
N LEU D 249 -7.39 11.12 -0.12
CA LEU D 249 -6.43 10.87 0.95
C LEU D 249 -5.75 12.17 1.33
N GLY D 250 -5.78 12.53 2.60
CA GLY D 250 -5.24 13.76 3.11
C GLY D 250 -6.28 14.85 3.33
N MET D 251 -7.46 14.68 2.76
CA MET D 251 -8.54 15.65 2.96
C MET D 251 -9.01 15.50 4.39
N GLY D 252 -9.56 16.61 4.91
CA GLY D 252 -10.17 16.57 6.22
C GLY D 252 -9.25 16.75 7.39
N LEU D 253 -7.96 16.78 7.11
CA LEU D 253 -6.92 16.96 8.08
C LEU D 253 -6.28 18.32 7.91
#